data_1D15
# 
_entry.id   1D15 
# 
_audit_conform.dict_name       mmcif_pdbx.dic 
_audit_conform.dict_version    5.385 
_audit_conform.dict_location   http://mmcif.pdb.org/dictionaries/ascii/mmcif_pdbx.dic 
# 
loop_
_database_2.database_id 
_database_2.database_code 
_database_2.pdbx_database_accession 
_database_2.pdbx_DOI 
PDB   1D15         pdb_00001d15 10.2210/pdb1d15/pdb 
RCSB  DDF022       ?            ?                   
WWPDB D_1000172620 ?            ?                   
# 
loop_
_pdbx_audit_revision_history.ordinal 
_pdbx_audit_revision_history.data_content_type 
_pdbx_audit_revision_history.major_revision 
_pdbx_audit_revision_history.minor_revision 
_pdbx_audit_revision_history.revision_date 
1 'Structure model' 1 0 1991-07-15 
2 'Structure model' 1 1 2008-05-22 
3 'Structure model' 1 2 2011-07-13 
4 'Structure model' 1 3 2024-02-07 
# 
_pdbx_audit_revision_details.ordinal             1 
_pdbx_audit_revision_details.revision_ordinal    1 
_pdbx_audit_revision_details.data_content_type   'Structure model' 
_pdbx_audit_revision_details.provider            repository 
_pdbx_audit_revision_details.type                'Initial release' 
_pdbx_audit_revision_details.description         ? 
_pdbx_audit_revision_details.details             ? 
# 
loop_
_pdbx_audit_revision_group.ordinal 
_pdbx_audit_revision_group.revision_ordinal 
_pdbx_audit_revision_group.data_content_type 
_pdbx_audit_revision_group.group 
1 2 'Structure model' 'Version format compliance' 
2 3 'Structure model' 'Version format compliance' 
3 4 'Structure model' 'Data collection'           
4 4 'Structure model' 'Database references'       
5 4 'Structure model' 'Derived calculations'      
# 
loop_
_pdbx_audit_revision_category.ordinal 
_pdbx_audit_revision_category.revision_ordinal 
_pdbx_audit_revision_category.data_content_type 
_pdbx_audit_revision_category.category 
1 4 'Structure model' chem_comp_atom 
2 4 'Structure model' chem_comp_bond 
3 4 'Structure model' database_2     
4 4 'Structure model' struct_site    
# 
loop_
_pdbx_audit_revision_item.ordinal 
_pdbx_audit_revision_item.revision_ordinal 
_pdbx_audit_revision_item.data_content_type 
_pdbx_audit_revision_item.item 
1 4 'Structure model' '_database_2.pdbx_DOI'                
2 4 'Structure model' '_database_2.pdbx_database_accession' 
3 4 'Structure model' '_struct_site.pdbx_auth_asym_id'      
4 4 'Structure model' '_struct_site.pdbx_auth_comp_id'      
5 4 'Structure model' '_struct_site.pdbx_auth_seq_id'       
# 
_pdbx_database_status.status_code                     REL 
_pdbx_database_status.entry_id                        1D15 
_pdbx_database_status.recvd_initial_deposition_date   1990-07-03 
_pdbx_database_status.deposit_site                    BNL 
_pdbx_database_status.process_site                    BNL 
_pdbx_database_status.SG_entry                        . 
_pdbx_database_status.pdb_format_compatible           Y 
_pdbx_database_status.status_code_mr                  ? 
_pdbx_database_status.status_code_sf                  ? 
_pdbx_database_status.status_code_cs                  ? 
_pdbx_database_status.status_code_nmr_data            ? 
_pdbx_database_status.methods_development_category    ? 
# 
loop_
_audit_author.name 
_audit_author.pdbx_ordinal 
'Williams, L.D.'  1 
'Frederick, C.A.' 2 
'Ughetto, G.'     3 
'Rich, A.'        4 
# 
_citation.id                        primary 
_citation.title                     
;Ternary interactions of spermine with DNA: 4'-epiadriamycin and other DNA: anthracycline complexes.
;
_citation.journal_abbrev            'Nucleic Acids Res.' 
_citation.journal_volume            18 
_citation.page_first                5533 
_citation.page_last                 5541 
_citation.year                      1990 
_citation.journal_id_ASTM           NARHAD 
_citation.country                   UK 
_citation.journal_id_ISSN           0305-1048 
_citation.journal_id_CSD            0389 
_citation.book_publisher            ? 
_citation.pdbx_database_id_PubMed   2216725 
_citation.pdbx_database_id_DOI      10.1093/nar/18.18.5533 
# 
loop_
_citation_author.citation_id 
_citation_author.name 
_citation_author.ordinal 
_citation_author.identifier_ORCID 
primary 'Williams, L.D.'  1 ? 
primary 'Frederick, C.A.' 2 ? 
primary 'Ughetto, G.'     3 ? 
primary 'Rich, A.'        4 ? 
# 
loop_
_entity.id 
_entity.type 
_entity.src_method 
_entity.pdbx_description 
_entity.formula_weight 
_entity.pdbx_number_of_molecules 
_entity.pdbx_ec 
_entity.pdbx_mutation 
_entity.pdbx_fragment 
_entity.details 
1 polymer     syn 
;DNA (5'-D(*CP*GP*AP*TP*CP*G)-3')
;
1809.217 1  ? ? ? ? 
2 non-polymer syn "4'-EPIDOXORUBICIN"                544.527  1  ? ? ? ? 
3 non-polymer syn SPERMINE                           202.340  1  ? ? ? ? 
4 water       nat water                              18.015   38 ? ? ? ? 
# 
_entity_poly.entity_id                      1 
_entity_poly.type                           polydeoxyribonucleotide 
_entity_poly.nstd_linkage                   no 
_entity_poly.nstd_monomer                   no 
_entity_poly.pdbx_seq_one_letter_code       '(DC)(DG)(DA)(DT)(DC)(DG)' 
_entity_poly.pdbx_seq_one_letter_code_can   CGATCG 
_entity_poly.pdbx_strand_id                 A 
_entity_poly.pdbx_target_identifier         ? 
# 
loop_
_pdbx_entity_nonpoly.entity_id 
_pdbx_entity_nonpoly.name 
_pdbx_entity_nonpoly.comp_id 
2 "4'-EPIDOXORUBICIN" DM6 
3 SPERMINE            SPM 
4 water               HOH 
# 
loop_
_entity_poly_seq.entity_id 
_entity_poly_seq.num 
_entity_poly_seq.mon_id 
_entity_poly_seq.hetero 
1 1 DC n 
1 2 DG n 
1 3 DA n 
1 4 DT n 
1 5 DC n 
1 6 DG n 
# 
loop_
_chem_comp.id 
_chem_comp.type 
_chem_comp.mon_nstd_flag 
_chem_comp.name 
_chem_comp.pdbx_synonyms 
_chem_comp.formula 
_chem_comp.formula_weight 
DA  'DNA linking' y "2'-DEOXYADENOSINE-5'-MONOPHOSPHATE" ?                  'C10 H14 N5 O6 P' 331.222 
DC  'DNA linking' y "2'-DEOXYCYTIDINE-5'-MONOPHOSPHATE"  ?                  'C9 H14 N3 O7 P'  307.197 
DG  'DNA linking' y "2'-DEOXYGUANOSINE-5'-MONOPHOSPHATE" ?                  'C10 H14 N5 O7 P' 347.221 
DM6 non-polymer   . "4'-EPIDOXORUBICIN"                  "4'-EPIADRIAMYCIN" 'C27 H30 N O11 1' 544.527 
DT  'DNA linking' y "THYMIDINE-5'-MONOPHOSPHATE"         ?                  'C10 H15 N2 O8 P' 322.208 
HOH non-polymer   . WATER                                ?                  'H2 O'            18.015  
SPM non-polymer   . SPERMINE                             ?                  'C10 H26 N4'      202.340 
# 
loop_
_pdbx_poly_seq_scheme.asym_id 
_pdbx_poly_seq_scheme.entity_id 
_pdbx_poly_seq_scheme.seq_id 
_pdbx_poly_seq_scheme.mon_id 
_pdbx_poly_seq_scheme.ndb_seq_num 
_pdbx_poly_seq_scheme.pdb_seq_num 
_pdbx_poly_seq_scheme.auth_seq_num 
_pdbx_poly_seq_scheme.pdb_mon_id 
_pdbx_poly_seq_scheme.auth_mon_id 
_pdbx_poly_seq_scheme.pdb_strand_id 
_pdbx_poly_seq_scheme.pdb_ins_code 
_pdbx_poly_seq_scheme.hetero 
A 1 1 DC 1 1 1 DC C A . n 
A 1 2 DG 2 2 2 DG G A . n 
A 1 3 DA 3 3 3 DA A A . n 
A 1 4 DT 4 4 4 DT T A . n 
A 1 5 DC 5 5 5 DC C A . n 
A 1 6 DG 6 6 6 DG G A . n 
# 
loop_
_pdbx_nonpoly_scheme.asym_id 
_pdbx_nonpoly_scheme.entity_id 
_pdbx_nonpoly_scheme.mon_id 
_pdbx_nonpoly_scheme.ndb_seq_num 
_pdbx_nonpoly_scheme.pdb_seq_num 
_pdbx_nonpoly_scheme.auth_seq_num 
_pdbx_nonpoly_scheme.pdb_mon_id 
_pdbx_nonpoly_scheme.auth_mon_id 
_pdbx_nonpoly_scheme.pdb_strand_id 
_pdbx_nonpoly_scheme.pdb_ins_code 
B 2 DM6 1  7  7  DM6 DM6 A . 
C 3 SPM 1  8  8  SPM SPM A . 
D 4 HOH 1  9  9  HOH HOH A . 
D 4 HOH 2  10 10 HOH HOH A . 
D 4 HOH 3  11 11 HOH HOH A . 
D 4 HOH 4  12 12 HOH HOH A . 
D 4 HOH 5  13 13 HOH HOH A . 
D 4 HOH 6  14 14 HOH HOH A . 
D 4 HOH 7  15 15 HOH HOH A . 
D 4 HOH 8  16 16 HOH HOH A . 
D 4 HOH 9  17 17 HOH HOH A . 
D 4 HOH 10 18 18 HOH HOH A . 
D 4 HOH 11 19 19 HOH HOH A . 
D 4 HOH 12 20 20 HOH HOH A . 
D 4 HOH 13 21 21 HOH HOH A . 
D 4 HOH 14 22 22 HOH HOH A . 
D 4 HOH 15 23 23 HOH HOH A . 
D 4 HOH 16 24 24 HOH HOH A . 
D 4 HOH 17 25 25 HOH HOH A . 
D 4 HOH 18 26 26 HOH HOH A . 
D 4 HOH 19 27 27 HOH HOH A . 
D 4 HOH 20 28 28 HOH HOH A . 
D 4 HOH 21 29 29 HOH HOH A . 
D 4 HOH 22 30 30 HOH HOH A . 
D 4 HOH 23 31 31 HOH HOH A . 
D 4 HOH 24 32 32 HOH HOH A . 
D 4 HOH 25 33 33 HOH HOH A . 
D 4 HOH 26 34 34 HOH HOH A . 
D 4 HOH 27 35 35 HOH HOH A . 
D 4 HOH 28 36 36 HOH HOH A . 
D 4 HOH 29 37 37 HOH HOH A . 
D 4 HOH 30 38 38 HOH HOH A . 
D 4 HOH 31 39 39 HOH HOH A . 
D 4 HOH 32 40 40 HOH HOH A . 
D 4 HOH 33 41 41 HOH HOH A . 
D 4 HOH 34 42 42 HOH HOH A . 
D 4 HOH 35 43 43 HOH HOH A . 
D 4 HOH 36 44 44 HOH HOH A . 
D 4 HOH 37 45 45 HOH HOH A . 
D 4 HOH 38 46 46 HOH HOH A . 
# 
loop_
_software.name 
_software.classification 
_software.version 
_software.citation_id 
_software.pdbx_ordinal 
PROLSQ   refinement '(MODIFIED BY G.J.QUIGLEY)' ? 1 
MODIFIED refinement 'BY G.J.QUIGLEY'            ? 2 
# 
_cell.entry_id           1D15 
_cell.length_a           28.040 
_cell.length_b           28.040 
_cell.length_c           53.150 
_cell.angle_alpha        90.00 
_cell.angle_beta         90.00 
_cell.angle_gamma        90.00 
_cell.Z_PDB              8 
_cell.pdbx_unique_axis   ? 
# 
_symmetry.entry_id                         1D15 
_symmetry.space_group_name_H-M             'P 41 21 2' 
_symmetry.pdbx_full_space_group_name_H-M   ? 
_symmetry.cell_setting                     ? 
_symmetry.Int_Tables_number                92 
# 
_exptl.entry_id          1D15 
_exptl.method            'X-RAY DIFFRACTION' 
_exptl.crystals_number   ? 
# 
_exptl_crystal.id                    1 
_exptl_crystal.density_meas          ? 
_exptl_crystal.density_Matthews      2.89 
_exptl_crystal.density_percent_sol   57.40 
_exptl_crystal.description           ? 
# 
_exptl_crystal_grow.crystal_id      1 
_exptl_crystal_grow.method          'VAPOR DIFFUSION, SITTING DROP' 
_exptl_crystal_grow.temp            ? 
_exptl_crystal_grow.temp_details    'ROOM TEMPERATURE' 
_exptl_crystal_grow.pH              6.00 
_exptl_crystal_grow.pdbx_details    'pH 6.00, VAPOR DIFFUSION, SITTING DROP' 
_exptl_crystal_grow.pdbx_pH_range   ? 
# 
loop_
_exptl_crystal_grow_comp.crystal_id 
_exptl_crystal_grow_comp.id 
_exptl_crystal_grow_comp.sol_id 
_exptl_crystal_grow_comp.name 
_exptl_crystal_grow_comp.volume 
_exptl_crystal_grow_comp.conc 
_exptl_crystal_grow_comp.details 
1 1 1 WATER           ? ? ? 
1 2 1 MPD             ? ? ? 
1 3 1 'NA CACODYLATE' ? ? ? 
1 4 1 SPERMINE        ? ? ? 
1 5 1 MGCL2           ? ? ? 
1 6 2 WATER           ? ? ? 
1 7 2 MPD             ? ? ? 
# 
_diffrn.id                     1 
_diffrn.ambient_temp           ? 
_diffrn.ambient_temp_details   'ROOM TEMPERATURE' 
_diffrn.crystal_id             1 
# 
_diffrn_detector.diffrn_id              1 
_diffrn_detector.detector               DIFFRACTOMETER 
_diffrn_detector.type                   'RIGAKU AFC-5' 
_diffrn_detector.pdbx_collection_date   ? 
_diffrn_detector.details                ? 
# 
_diffrn_radiation.diffrn_id                        1 
_diffrn_radiation.wavelength_id                    1 
_diffrn_radiation.pdbx_monochromatic_or_laue_m_l   ? 
_diffrn_radiation.monochromator                    ? 
_diffrn_radiation.pdbx_diffrn_protocol             ? 
_diffrn_radiation.pdbx_scattering_type             x-ray 
# 
_diffrn_radiation_wavelength.id           1 
_diffrn_radiation_wavelength.wavelength   1.5418 
_diffrn_radiation_wavelength.wt           1.0 
# 
_diffrn_source.diffrn_id                   1 
_diffrn_source.source                      'ROTATING ANODE' 
_diffrn_source.type                        RIGAKU 
_diffrn_source.pdbx_synchrotron_site       ? 
_diffrn_source.pdbx_synchrotron_beamline   ? 
_diffrn_source.pdbx_wavelength             1.5418 
_diffrn_source.pdbx_wavelength_list        ? 
# 
_reflns.entry_id                     1D15 
_reflns.observed_criterion_sigma_I   ? 
_reflns.observed_criterion_sigma_F   1.500 
_reflns.d_resolution_low             10.000 
_reflns.d_resolution_high            1.500 
_reflns.number_obs                   1714 
_reflns.number_all                   ? 
_reflns.percent_possible_obs         ? 
_reflns.pdbx_Rmerge_I_obs            ? 
_reflns.pdbx_Rsym_value              ? 
_reflns.pdbx_netI_over_sigmaI        ? 
_reflns.B_iso_Wilson_estimate        ? 
_reflns.pdbx_redundancy              ? 
_reflns.pdbx_diffrn_id               1 
_reflns.pdbx_ordinal                 1 
# 
_refine.entry_id                                 1D15 
_refine.ls_number_reflns_obs                     1714 
_refine.ls_number_reflns_all                     ? 
_refine.pdbx_ls_sigma_I                          ? 
_refine.pdbx_ls_sigma_F                          1.500 
_refine.pdbx_data_cutoff_high_absF               ? 
_refine.pdbx_data_cutoff_low_absF                ? 
_refine.pdbx_data_cutoff_high_rms_absF           ? 
_refine.ls_d_res_low                             10.000 
_refine.ls_d_res_high                            1.500 
_refine.ls_percent_reflns_obs                    ? 
_refine.ls_R_factor_obs                          0.1960000 
_refine.ls_R_factor_all                          ? 
_refine.ls_R_factor_R_work                       ? 
_refine.ls_R_factor_R_free                       ? 
_refine.ls_R_factor_R_free_error                 ? 
_refine.ls_R_factor_R_free_error_details         ? 
_refine.ls_percent_reflns_R_free                 ? 
_refine.ls_number_reflns_R_free                  ? 
_refine.ls_number_parameters                     ? 
_refine.ls_number_restraints                     ? 
_refine.occupancy_min                            ? 
_refine.occupancy_max                            ? 
_refine.B_iso_mean                               ? 
_refine.aniso_B[1][1]                            ? 
_refine.aniso_B[2][2]                            ? 
_refine.aniso_B[3][3]                            ? 
_refine.aniso_B[1][2]                            ? 
_refine.aniso_B[1][3]                            ? 
_refine.aniso_B[2][3]                            ? 
_refine.solvent_model_details                    ? 
_refine.solvent_model_param_ksol                 ? 
_refine.solvent_model_param_bsol                 ? 
_refine.pdbx_ls_cross_valid_method               ? 
_refine.details                                  ? 
_refine.pdbx_starting_model                      ? 
_refine.pdbx_method_to_determine_struct          ? 
_refine.pdbx_isotropic_thermal_model             ? 
_refine.pdbx_stereochemistry_target_values       ? 
_refine.pdbx_stereochem_target_val_spec_case     ? 
_refine.pdbx_R_Free_selection_details            ? 
_refine.pdbx_overall_ESU_R                       ? 
_refine.pdbx_overall_ESU_R_Free                  ? 
_refine.overall_SU_ML                            ? 
_refine.overall_SU_B                             ? 
_refine.pdbx_refine_id                           'X-RAY DIFFRACTION' 
_refine.pdbx_diffrn_id                           1 
_refine.pdbx_TLS_residual_ADP_flag               ? 
_refine.correlation_coeff_Fo_to_Fc               ? 
_refine.correlation_coeff_Fo_to_Fc_free          ? 
_refine.pdbx_solvent_vdw_probe_radii             ? 
_refine.pdbx_solvent_ion_probe_radii             ? 
_refine.pdbx_solvent_shrinkage_radii             ? 
_refine.pdbx_overall_phase_error                 ? 
_refine.overall_SU_R_Cruickshank_DPI             ? 
_refine.pdbx_overall_SU_R_free_Cruickshank_DPI   ? 
_refine.pdbx_overall_SU_R_Blow_DPI               ? 
_refine.pdbx_overall_SU_R_free_Blow_DPI          ? 
# 
_refine_hist.pdbx_refine_id                   'X-RAY DIFFRACTION' 
_refine_hist.cycle_id                         LAST 
_refine_hist.pdbx_number_atoms_protein        0 
_refine_hist.pdbx_number_atoms_nucleic_acid   120 
_refine_hist.pdbx_number_atoms_ligand         53 
_refine_hist.number_atoms_solvent             38 
_refine_hist.number_atoms_total               211 
_refine_hist.d_res_high                       1.500 
_refine_hist.d_res_low                        10.000 
# 
loop_
_refine_ls_restr.type 
_refine_ls_restr.dev_ideal 
_refine_ls_restr.dev_ideal_target 
_refine_ls_restr.weight 
_refine_ls_restr.number 
_refine_ls_restr.pdbx_refine_id 
_refine_ls_restr.pdbx_restraint_function 
p_bond_d            0.019 ? ? ? 'X-RAY DIFFRACTION' ? 
p_angle_d           ?     ? ? ? 'X-RAY DIFFRACTION' ? 
p_angle_deg         ?     ? ? ? 'X-RAY DIFFRACTION' ? 
p_planar_d          ?     ? ? ? 'X-RAY DIFFRACTION' ? 
p_hb_or_metal_coord ?     ? ? ? 'X-RAY DIFFRACTION' ? 
p_mcbond_it         ?     ? ? ? 'X-RAY DIFFRACTION' ? 
p_mcangle_it        ?     ? ? ? 'X-RAY DIFFRACTION' ? 
p_scbond_it         ?     ? ? ? 'X-RAY DIFFRACTION' ? 
p_scangle_it        ?     ? ? ? 'X-RAY DIFFRACTION' ? 
p_plane_restr       ?     ? ? ? 'X-RAY DIFFRACTION' ? 
p_chiral_restr      ?     ? ? ? 'X-RAY DIFFRACTION' ? 
p_singtor_nbd       ?     ? ? ? 'X-RAY DIFFRACTION' ? 
p_multtor_nbd       ?     ? ? ? 'X-RAY DIFFRACTION' ? 
p_xhyhbond_nbd      ?     ? ? ? 'X-RAY DIFFRACTION' ? 
p_xyhbond_nbd       ?     ? ? ? 'X-RAY DIFFRACTION' ? 
p_planar_tor        ?     ? ? ? 'X-RAY DIFFRACTION' ? 
p_staggered_tor     ?     ? ? ? 'X-RAY DIFFRACTION' ? 
p_orthonormal_tor   ?     ? ? ? 'X-RAY DIFFRACTION' ? 
p_transverse_tor    ?     ? ? ? 'X-RAY DIFFRACTION' ? 
p_special_tor       ?     ? ? ? 'X-RAY DIFFRACTION' ? 
# 
_struct.entry_id                  1D15 
_struct.title                     
;TERNARY INTERACTIONS OF SPERMINE WITH DNA: 4'-EPIADRIAMYCIN AND OTHER DNA: ANTHRACYCLINE COMPLEXES
;
_struct.pdbx_model_details        ? 
_struct.pdbx_CASP_flag            ? 
_struct.pdbx_model_type_details   ? 
# 
_struct_keywords.entry_id        1D15 
_struct_keywords.pdbx_keywords   DNA 
_struct_keywords.text            'RIGHT HANDED DNA, DOUBLE HELIX, COMPLEXED WITH DRUG, DNA' 
# 
loop_
_struct_asym.id 
_struct_asym.pdbx_blank_PDB_chainid_flag 
_struct_asym.pdbx_modified 
_struct_asym.entity_id 
_struct_asym.details 
A N N 1 ? 
B N N 2 ? 
C N N 3 ? 
D N N 4 ? 
# 
_struct_ref.id                         1 
_struct_ref.entity_id                  1 
_struct_ref.db_name                    PDB 
_struct_ref.db_code                    1D15 
_struct_ref.pdbx_db_accession          1D15 
_struct_ref.pdbx_db_isoform            ? 
_struct_ref.pdbx_seq_one_letter_code   ? 
_struct_ref.pdbx_align_begin           ? 
# 
_struct_ref_seq.align_id                      1 
_struct_ref_seq.ref_id                        1 
_struct_ref_seq.pdbx_PDB_id_code              1D15 
_struct_ref_seq.pdbx_strand_id                A 
_struct_ref_seq.seq_align_beg                 1 
_struct_ref_seq.pdbx_seq_align_beg_ins_code   ? 
_struct_ref_seq.seq_align_end                 6 
_struct_ref_seq.pdbx_seq_align_end_ins_code   ? 
_struct_ref_seq.pdbx_db_accession             1D15 
_struct_ref_seq.db_align_beg                  1 
_struct_ref_seq.pdbx_db_align_beg_ins_code    ? 
_struct_ref_seq.db_align_end                  6 
_struct_ref_seq.pdbx_db_align_end_ins_code    ? 
_struct_ref_seq.pdbx_auth_seq_align_beg       1 
_struct_ref_seq.pdbx_auth_seq_align_end       6 
# 
_pdbx_struct_assembly.id                   1 
_pdbx_struct_assembly.details              author_defined_assembly 
_pdbx_struct_assembly.method_details       ? 
_pdbx_struct_assembly.oligomeric_details   dimeric 
_pdbx_struct_assembly.oligomeric_count     2 
# 
_pdbx_struct_assembly_gen.assembly_id       1 
_pdbx_struct_assembly_gen.oper_expression   1,2 
_pdbx_struct_assembly_gen.asym_id_list      A,B,C,D 
# 
loop_
_pdbx_struct_oper_list.id 
_pdbx_struct_oper_list.type 
_pdbx_struct_oper_list.name 
_pdbx_struct_oper_list.symmetry_operation 
_pdbx_struct_oper_list.matrix[1][1] 
_pdbx_struct_oper_list.matrix[1][2] 
_pdbx_struct_oper_list.matrix[1][3] 
_pdbx_struct_oper_list.vector[1] 
_pdbx_struct_oper_list.matrix[2][1] 
_pdbx_struct_oper_list.matrix[2][2] 
_pdbx_struct_oper_list.matrix[2][3] 
_pdbx_struct_oper_list.vector[2] 
_pdbx_struct_oper_list.matrix[3][1] 
_pdbx_struct_oper_list.matrix[3][2] 
_pdbx_struct_oper_list.matrix[3][3] 
_pdbx_struct_oper_list.vector[3] 
1 'identity operation'         1_555 x,y,z            1.0000000000 0.0000000000  0.0000000000 0.0000000000  0.0000000000  1.0000000000  0.0000000000  0.0000000000  0.0000000000 0.0000000000  1.0000000000  0.0000000000 
2 'crystal symmetry operation' 8_665 -y+1,-x+1,-z+1/2 0.5436420740 -0.8011595515 0.2501932622 -2.5338517511 -0.8011595515 -0.5841933582 -0.1298518129 -4.6505955490 0.2501932622 -0.1298518129 -0.9594487158 0.7413913809 
# 
_struct_biol.id   1 
# 
loop_
_struct_conn.id 
_struct_conn.conn_type_id 
_struct_conn.pdbx_leaving_atom_flag 
_struct_conn.pdbx_PDB_id 
_struct_conn.ptnr1_label_asym_id 
_struct_conn.ptnr1_label_comp_id 
_struct_conn.ptnr1_label_seq_id 
_struct_conn.ptnr1_label_atom_id 
_struct_conn.pdbx_ptnr1_label_alt_id 
_struct_conn.pdbx_ptnr1_PDB_ins_code 
_struct_conn.pdbx_ptnr1_standard_comp_id 
_struct_conn.ptnr1_symmetry 
_struct_conn.ptnr2_label_asym_id 
_struct_conn.ptnr2_label_comp_id 
_struct_conn.ptnr2_label_seq_id 
_struct_conn.ptnr2_label_atom_id 
_struct_conn.pdbx_ptnr2_label_alt_id 
_struct_conn.pdbx_ptnr2_PDB_ins_code 
_struct_conn.ptnr1_auth_asym_id 
_struct_conn.ptnr1_auth_comp_id 
_struct_conn.ptnr1_auth_seq_id 
_struct_conn.ptnr2_auth_asym_id 
_struct_conn.ptnr2_auth_comp_id 
_struct_conn.ptnr2_auth_seq_id 
_struct_conn.ptnr2_symmetry 
_struct_conn.pdbx_ptnr3_label_atom_id 
_struct_conn.pdbx_ptnr3_label_seq_id 
_struct_conn.pdbx_ptnr3_label_comp_id 
_struct_conn.pdbx_ptnr3_label_asym_id 
_struct_conn.pdbx_ptnr3_label_alt_id 
_struct_conn.pdbx_ptnr3_PDB_ins_code 
_struct_conn.details 
_struct_conn.pdbx_dist_value 
_struct_conn.pdbx_value_order 
_struct_conn.pdbx_role 
hydrog1  hydrog ? ? A DC 1 N3 ? ? ? 1_555 A DG 6 N1 ? ? A DC 1 A DG 6 8_665 ? ? ? ? ? ? WATSON-CRICK ? ? ? 
hydrog2  hydrog ? ? A DC 1 N4 ? ? ? 1_555 A DG 6 O6 ? ? A DC 1 A DG 6 8_665 ? ? ? ? ? ? WATSON-CRICK ? ? ? 
hydrog3  hydrog ? ? A DC 1 O2 ? ? ? 1_555 A DG 6 N2 ? ? A DC 1 A DG 6 8_665 ? ? ? ? ? ? WATSON-CRICK ? ? ? 
hydrog4  hydrog ? ? A DG 2 N1 ? ? ? 1_555 A DC 5 N3 ? ? A DG 2 A DC 5 8_665 ? ? ? ? ? ? WATSON-CRICK ? ? ? 
hydrog5  hydrog ? ? A DG 2 N2 ? ? ? 1_555 A DC 5 O2 ? ? A DG 2 A DC 5 8_665 ? ? ? ? ? ? WATSON-CRICK ? ? ? 
hydrog6  hydrog ? ? A DG 2 O6 ? ? ? 1_555 A DC 5 N4 ? ? A DG 2 A DC 5 8_665 ? ? ? ? ? ? WATSON-CRICK ? ? ? 
hydrog7  hydrog ? ? A DA 3 N1 ? ? ? 1_555 A DT 4 N3 ? ? A DA 3 A DT 4 8_665 ? ? ? ? ? ? WATSON-CRICK ? ? ? 
hydrog8  hydrog ? ? A DA 3 N6 ? ? ? 1_555 A DT 4 O4 ? ? A DA 3 A DT 4 8_665 ? ? ? ? ? ? WATSON-CRICK ? ? ? 
hydrog9  hydrog ? ? A DT 4 N3 ? ? ? 1_555 A DA 3 N1 ? ? A DT 4 A DA 3 8_665 ? ? ? ? ? ? WATSON-CRICK ? ? ? 
hydrog10 hydrog ? ? A DT 4 O4 ? ? ? 1_555 A DA 3 N6 ? ? A DT 4 A DA 3 8_665 ? ? ? ? ? ? WATSON-CRICK ? ? ? 
hydrog11 hydrog ? ? A DC 5 N3 ? ? ? 1_555 A DG 2 N1 ? ? A DC 5 A DG 2 8_665 ? ? ? ? ? ? WATSON-CRICK ? ? ? 
hydrog12 hydrog ? ? A DC 5 N4 ? ? ? 1_555 A DG 2 O6 ? ? A DC 5 A DG 2 8_665 ? ? ? ? ? ? WATSON-CRICK ? ? ? 
hydrog13 hydrog ? ? A DC 5 O2 ? ? ? 1_555 A DG 2 N2 ? ? A DC 5 A DG 2 8_665 ? ? ? ? ? ? WATSON-CRICK ? ? ? 
hydrog14 hydrog ? ? A DG 6 N1 ? ? ? 1_555 A DC 1 N3 ? ? A DG 6 A DC 1 8_665 ? ? ? ? ? ? WATSON-CRICK ? ? ? 
hydrog15 hydrog ? ? A DG 6 N2 ? ? ? 1_555 A DC 1 O2 ? ? A DG 6 A DC 1 8_665 ? ? ? ? ? ? WATSON-CRICK ? ? ? 
hydrog16 hydrog ? ? A DG 6 O6 ? ? ? 1_555 A DC 1 N4 ? ? A DG 6 A DC 1 8_665 ? ? ? ? ? ? WATSON-CRICK ? ? ? 
# 
_struct_conn_type.id          hydrog 
_struct_conn_type.criteria    ? 
_struct_conn_type.reference   ? 
# 
loop_
_struct_site.id 
_struct_site.pdbx_evidence_code 
_struct_site.pdbx_auth_asym_id 
_struct_site.pdbx_auth_comp_id 
_struct_site.pdbx_auth_seq_id 
_struct_site.pdbx_auth_ins_code 
_struct_site.pdbx_num_residues 
_struct_site.details 
AC1 Software A DM6 7 ? 10 'BINDING SITE FOR RESIDUE DM6 A 7' 
AC2 Software A SPM 8 ? 10 'BINDING SITE FOR RESIDUE SPM A 8' 
1   ?        ? ?   ? ? ?  ?                                  
# 
loop_
_struct_site_gen.id 
_struct_site_gen.site_id 
_struct_site_gen.pdbx_num_res 
_struct_site_gen.label_comp_id 
_struct_site_gen.label_asym_id 
_struct_site_gen.label_seq_id 
_struct_site_gen.pdbx_auth_ins_code 
_struct_site_gen.auth_comp_id 
_struct_site_gen.auth_asym_id 
_struct_site_gen.auth_seq_id 
_struct_site_gen.label_atom_id 
_struct_site_gen.label_alt_id 
_struct_site_gen.symmetry 
_struct_site_gen.details 
1  AC1 10 DC  A 1 ? DC  A 1  . ? 8_665 ? 
2  AC1 10 DG  A 2 ? DG  A 2  . ? 8_665 ? 
3  AC1 10 DA  A 3 ? DA  A 3  . ? 8_665 ? 
4  AC1 10 DT  A 4 ? DT  A 4  . ? 8_665 ? 
5  AC1 10 DT  A 4 ? DT  A 4  . ? 1_555 ? 
6  AC1 10 DC  A 5 ? DC  A 5  . ? 1_555 ? 
7  AC1 10 DG  A 6 ? DG  A 6  . ? 1_555 ? 
8  AC1 10 SPM C . ? SPM A 8  . ? 1_555 ? 
9  AC1 10 HOH D . ? HOH A 16 . ? 1_555 ? 
10 AC1 10 HOH D . ? HOH A 19 . ? 8_665 ? 
11 AC2 10 DG  A 2 ? DG  A 2  . ? 8_665 ? 
12 AC2 10 DA  A 3 ? DA  A 3  . ? 1_555 ? 
13 AC2 10 DT  A 4 ? DT  A 4  . ? 1_555 ? 
14 AC2 10 DC  A 5 ? DC  A 5  . ? 1_555 ? 
15 AC2 10 DG  A 6 ? DG  A 6  . ? 5_655 ? 
16 AC2 10 DM6 B . ? DM6 A 7  . ? 1_555 ? 
17 AC2 10 HOH D . ? HOH A 14 . ? 1_555 ? 
18 AC2 10 HOH D . ? HOH A 23 . ? 1_555 ? 
19 AC2 10 HOH D . ? HOH A 24 . ? 8_665 ? 
20 AC2 10 HOH D . ? HOH A 35 . ? 1_555 ? 
# 
_pdbx_validate_symm_contact.id                1 
_pdbx_validate_symm_contact.PDB_model_num     1 
_pdbx_validate_symm_contact.auth_atom_id_1    O 
_pdbx_validate_symm_contact.auth_asym_id_1    A 
_pdbx_validate_symm_contact.auth_comp_id_1    HOH 
_pdbx_validate_symm_contact.auth_seq_id_1     32 
_pdbx_validate_symm_contact.PDB_ins_code_1    ? 
_pdbx_validate_symm_contact.label_alt_id_1    ? 
_pdbx_validate_symm_contact.site_symmetry_1   1_555 
_pdbx_validate_symm_contact.auth_atom_id_2    O 
_pdbx_validate_symm_contact.auth_asym_id_2    A 
_pdbx_validate_symm_contact.auth_comp_id_2    HOH 
_pdbx_validate_symm_contact.auth_seq_id_2     32 
_pdbx_validate_symm_contact.PDB_ins_code_2    ? 
_pdbx_validate_symm_contact.label_alt_id_2    ? 
_pdbx_validate_symm_contact.site_symmetry_2   8_665 
_pdbx_validate_symm_contact.dist              2.18 
# 
loop_
_pdbx_validate_rmsd_bond.id 
_pdbx_validate_rmsd_bond.PDB_model_num 
_pdbx_validate_rmsd_bond.auth_atom_id_1 
_pdbx_validate_rmsd_bond.auth_asym_id_1 
_pdbx_validate_rmsd_bond.auth_comp_id_1 
_pdbx_validate_rmsd_bond.auth_seq_id_1 
_pdbx_validate_rmsd_bond.PDB_ins_code_1 
_pdbx_validate_rmsd_bond.label_alt_id_1 
_pdbx_validate_rmsd_bond.auth_atom_id_2 
_pdbx_validate_rmsd_bond.auth_asym_id_2 
_pdbx_validate_rmsd_bond.auth_comp_id_2 
_pdbx_validate_rmsd_bond.auth_seq_id_2 
_pdbx_validate_rmsd_bond.PDB_ins_code_2 
_pdbx_validate_rmsd_bond.label_alt_id_2 
_pdbx_validate_rmsd_bond.bond_value 
_pdbx_validate_rmsd_bond.bond_target_value 
_pdbx_validate_rmsd_bond.bond_deviation 
_pdbx_validate_rmsd_bond.bond_standard_deviation 
_pdbx_validate_rmsd_bond.linker_flag 
1  1 "C4'" A DC 1 ? ? "C3'" A DC 1 ? ? 1.633 1.529 0.104  0.010 N 
2  1 "C2'" A DC 1 ? ? "C1'" A DC 1 ? ? 1.611 1.519 0.092  0.010 N 
3  1 "O3'" A DC 1 ? ? "C3'" A DC 1 ? ? 1.338 1.419 -0.081 0.006 N 
4  1 P     A DG 2 ? ? "O5'" A DG 2 ? ? 1.662 1.593 0.069  0.010 N 
5  1 "C2'" A DG 2 ? ? "C1'" A DG 2 ? ? 1.617 1.519 0.098  0.010 N 
6  1 C6    A DG 2 ? ? N1    A DG 2 ? ? 1.320 1.391 -0.071 0.007 N 
7  1 C2    A DG 2 ? ? N2    A DG 2 ? ? 1.220 1.341 -0.121 0.010 N 
8  1 "O4'" A DT 4 ? ? "C1'" A DT 4 ? ? 1.509 1.420 0.089  0.011 N 
9  1 P     A DC 5 ? ? "O5'" A DC 5 ? ? 1.671 1.593 0.078  0.010 N 
10 1 "C2'" A DC 5 ? ? "C1'" A DC 5 ? ? 1.600 1.519 0.081  0.010 N 
11 1 N3    A DC 5 ? ? C4    A DC 5 ? ? 1.377 1.335 0.042  0.007 N 
12 1 "C2'" A DG 6 ? ? "C1'" A DG 6 ? ? 1.602 1.519 0.083  0.010 N 
13 1 C6    A DG 6 ? ? N1    A DG 6 ? ? 1.321 1.391 -0.070 0.007 N 
14 1 C8    A DG 6 ? ? N9    A DG 6 ? ? 1.324 1.374 -0.050 0.007 N 
15 1 N9    A DG 6 ? ? C4    A DG 6 ? ? 1.432 1.375 0.057  0.008 N 
16 1 C2    A DG 6 ? ? N2    A DG 6 ? ? 1.243 1.341 -0.098 0.010 N 
# 
loop_
_pdbx_validate_rmsd_angle.id 
_pdbx_validate_rmsd_angle.PDB_model_num 
_pdbx_validate_rmsd_angle.auth_atom_id_1 
_pdbx_validate_rmsd_angle.auth_asym_id_1 
_pdbx_validate_rmsd_angle.auth_comp_id_1 
_pdbx_validate_rmsd_angle.auth_seq_id_1 
_pdbx_validate_rmsd_angle.PDB_ins_code_1 
_pdbx_validate_rmsd_angle.label_alt_id_1 
_pdbx_validate_rmsd_angle.auth_atom_id_2 
_pdbx_validate_rmsd_angle.auth_asym_id_2 
_pdbx_validate_rmsd_angle.auth_comp_id_2 
_pdbx_validate_rmsd_angle.auth_seq_id_2 
_pdbx_validate_rmsd_angle.PDB_ins_code_2 
_pdbx_validate_rmsd_angle.label_alt_id_2 
_pdbx_validate_rmsd_angle.auth_atom_id_3 
_pdbx_validate_rmsd_angle.auth_asym_id_3 
_pdbx_validate_rmsd_angle.auth_comp_id_3 
_pdbx_validate_rmsd_angle.auth_seq_id_3 
_pdbx_validate_rmsd_angle.PDB_ins_code_3 
_pdbx_validate_rmsd_angle.label_alt_id_3 
_pdbx_validate_rmsd_angle.angle_value 
_pdbx_validate_rmsd_angle.angle_target_value 
_pdbx_validate_rmsd_angle.angle_deviation 
_pdbx_validate_rmsd_angle.angle_standard_deviation 
_pdbx_validate_rmsd_angle.linker_flag 
1  1 "C5'" A DC 1 ? ? "C4'" A DC 1 ? ? "O4'" A DC 1 ? ? 116.53 109.80 6.73   1.10 N 
2  1 "O4'" A DC 1 ? ? "C1'" A DC 1 ? ? N1    A DC 1 ? ? 102.12 108.00 -5.88  0.70 N 
3  1 N1    A DC 1 ? ? C2    A DC 1 ? ? N3    A DC 1 ? ? 114.72 119.20 -4.48  0.70 N 
4  1 C2    A DC 1 ? ? N3    A DC 1 ? ? C4    A DC 1 ? ? 127.02 119.90 7.12   0.50 N 
5  1 N3    A DC 1 ? ? C4    A DC 1 ? ? C5    A DC 1 ? ? 116.39 121.90 -5.51  0.40 N 
6  1 C5    A DC 1 ? ? C4    A DC 1 ? ? N4    A DC 1 ? ? 126.03 120.20 5.83   0.70 N 
7  1 "O4'" A DG 2 ? ? "C1'" A DG 2 ? ? N9    A DG 2 ? ? 118.85 108.30 10.55  0.30 N 
8  1 C6    A DG 2 ? ? N1    A DG 2 ? ? C2    A DG 2 ? ? 119.89 125.10 -5.21  0.60 N 
9  1 N1    A DG 2 ? ? C2    A DG 2 ? ? N3    A DG 2 ? ? 127.85 123.90 3.95   0.60 N 
10 1 C5    A DG 2 ? ? C6    A DG 2 ? ? N1    A DG 2 ? ? 117.73 111.50 6.23   0.50 N 
11 1 N3    A DG 2 ? ? C2    A DG 2 ? ? N2    A DG 2 ? ? 111.86 119.90 -8.04  0.70 N 
12 1 N1    A DG 2 ? ? C6    A DG 2 ? ? O6    A DG 2 ? ? 112.65 119.90 -7.25  0.60 N 
13 1 "O5'" A DA 3 ? ? P     A DA 3 ? ? OP1   A DA 3 ? ? 97.94  105.70 -7.76  0.90 N 
14 1 "O5'" A DA 3 ? ? "C5'" A DA 3 ? ? "C4'" A DA 3 ? ? 104.19 109.40 -5.21  0.80 N 
15 1 "O4'" A DA 3 ? ? "C1'" A DA 3 ? ? N9    A DA 3 ? ? 112.27 108.30 3.97   0.30 N 
16 1 "O5'" A DT 4 ? ? P     A DT 4 ? ? OP2   A DT 4 ? ? 118.14 110.70 7.44   1.20 N 
17 1 "O5'" A DT 4 ? ? "C5'" A DT 4 ? ? "C4'" A DT 4 ? ? 101.56 109.40 -7.84  0.80 N 
18 1 "C1'" A DT 4 ? ? "O4'" A DT 4 ? ? "C4'" A DT 4 ? ? 103.51 110.10 -6.59  1.00 N 
19 1 "O4'" A DT 4 ? ? "C1'" A DT 4 ? ? N1    A DT 4 ? ? 98.05  108.00 -9.95  0.70 N 
20 1 "O5'" A DC 5 ? ? P     A DC 5 ? ? OP1   A DC 5 ? ? 98.41  105.70 -7.29  0.90 N 
21 1 "O5'" A DC 5 ? ? "C5'" A DC 5 ? ? "C4'" A DC 5 ? ? 101.68 109.40 -7.72  0.80 N 
22 1 "O4'" A DC 5 ? ? "C1'" A DC 5 ? ? "C2'" A DC 5 ? ? 100.73 105.90 -5.17  0.80 N 
23 1 "O4'" A DC 5 ? ? "C1'" A DC 5 ? ? N1    A DC 5 ? ? 122.28 108.30 13.98  0.30 N 
24 1 C6    A DC 5 ? ? N1    A DC 5 ? ? C2    A DC 5 ? ? 117.75 120.30 -2.55  0.40 N 
25 1 C2    A DC 5 ? ? N3    A DC 5 ? ? C4    A DC 5 ? ? 125.98 119.90 6.08   0.50 N 
26 1 N3    A DC 5 ? ? C4    A DC 5 ? ? C5    A DC 5 ? ? 117.42 121.90 -4.48  0.40 N 
27 1 C5    A DC 5 ? ? C6    A DC 5 ? ? N1    A DC 5 ? ? 126.35 121.00 5.35   0.50 N 
28 1 "O3'" A DC 5 ? ? P     A DG 6 ? ? "O5'" A DG 6 ? ? 116.12 104.00 12.12  1.90 Y 
29 1 "O4'" A DG 6 ? ? "C4'" A DG 6 ? ? "C3'" A DG 6 ? ? 99.84  104.50 -4.66  0.40 N 
30 1 "O4'" A DG 6 ? ? "C1'" A DG 6 ? ? N9    A DG 6 ? ? 111.27 108.30 2.97   0.30 N 
31 1 C6    A DG 6 ? ? N1    A DG 6 ? ? C2    A DG 6 ? ? 116.52 125.10 -8.58  0.60 N 
32 1 N3    A DG 6 ? ? C4    A DG 6 ? ? C5    A DG 6 ? ? 125.03 128.60 -3.57  0.50 N 
33 1 C5    A DG 6 ? ? C6    A DG 6 ? ? N1    A DG 6 ? ? 120.46 111.50 8.96   0.50 N 
34 1 N3    A DG 6 ? ? C4    A DG 6 ? ? N9    A DG 6 ? ? 130.62 126.00 4.62   0.60 N 
35 1 N1    A DG 6 ? ? C2    A DG 6 ? ? N2    A DG 6 ? ? 123.61 116.20 7.41   0.90 N 
36 1 N3    A DG 6 ? ? C2    A DG 6 ? ? N2    A DG 6 ? ? 108.89 119.90 -11.01 0.70 N 
37 1 N1    A DG 6 ? ? C6    A DG 6 ? ? O6    A DG 6 ? ? 115.82 119.90 -4.08  0.60 N 
38 1 C5    A DG 6 ? ? C6    A DG 6 ? ? O6    A DG 6 ? ? 123.71 128.60 -4.89  0.60 N 
# 
_struct_site_keywords.site_id   1 
_struct_site_keywords.text      INTERCALATION 
# 
loop_
_refine_B_iso.class 
_refine_B_iso.details 
_refine_B_iso.treatment 
_refine_B_iso.pdbx_refine_id 
'ALL ATOMS'  TR isotropic 'X-RAY DIFFRACTION' 
'ALL WATERS' TR isotropic 'X-RAY DIFFRACTION' 
# 
loop_
_refine_occupancy.class 
_refine_occupancy.treatment 
_refine_occupancy.pdbx_refine_id 
'ALL ATOMS'  fix 'X-RAY DIFFRACTION' 
'ALL WATERS' fix 'X-RAY DIFFRACTION' 
# 
loop_
_chem_comp_atom.comp_id 
_chem_comp_atom.atom_id 
_chem_comp_atom.type_symbol 
_chem_comp_atom.pdbx_aromatic_flag 
_chem_comp_atom.pdbx_stereo_config 
_chem_comp_atom.pdbx_ordinal 
DA  OP3    O N N 1   
DA  P      P N N 2   
DA  OP1    O N N 3   
DA  OP2    O N N 4   
DA  "O5'"  O N N 5   
DA  "C5'"  C N N 6   
DA  "C4'"  C N R 7   
DA  "O4'"  O N N 8   
DA  "C3'"  C N S 9   
DA  "O3'"  O N N 10  
DA  "C2'"  C N N 11  
DA  "C1'"  C N R 12  
DA  N9     N Y N 13  
DA  C8     C Y N 14  
DA  N7     N Y N 15  
DA  C5     C Y N 16  
DA  C6     C Y N 17  
DA  N6     N N N 18  
DA  N1     N Y N 19  
DA  C2     C Y N 20  
DA  N3     N Y N 21  
DA  C4     C Y N 22  
DA  HOP3   H N N 23  
DA  HOP2   H N N 24  
DA  "H5'"  H N N 25  
DA  "H5''" H N N 26  
DA  "H4'"  H N N 27  
DA  "H3'"  H N N 28  
DA  "HO3'" H N N 29  
DA  "H2'"  H N N 30  
DA  "H2''" H N N 31  
DA  "H1'"  H N N 32  
DA  H8     H N N 33  
DA  H61    H N N 34  
DA  H62    H N N 35  
DA  H2     H N N 36  
DC  OP3    O N N 37  
DC  P      P N N 38  
DC  OP1    O N N 39  
DC  OP2    O N N 40  
DC  "O5'"  O N N 41  
DC  "C5'"  C N N 42  
DC  "C4'"  C N R 43  
DC  "O4'"  O N N 44  
DC  "C3'"  C N S 45  
DC  "O3'"  O N N 46  
DC  "C2'"  C N N 47  
DC  "C1'"  C N R 48  
DC  N1     N N N 49  
DC  C2     C N N 50  
DC  O2     O N N 51  
DC  N3     N N N 52  
DC  C4     C N N 53  
DC  N4     N N N 54  
DC  C5     C N N 55  
DC  C6     C N N 56  
DC  HOP3   H N N 57  
DC  HOP2   H N N 58  
DC  "H5'"  H N N 59  
DC  "H5''" H N N 60  
DC  "H4'"  H N N 61  
DC  "H3'"  H N N 62  
DC  "HO3'" H N N 63  
DC  "H2'"  H N N 64  
DC  "H2''" H N N 65  
DC  "H1'"  H N N 66  
DC  H41    H N N 67  
DC  H42    H N N 68  
DC  H5     H N N 69  
DC  H6     H N N 70  
DG  OP3    O N N 71  
DG  P      P N N 72  
DG  OP1    O N N 73  
DG  OP2    O N N 74  
DG  "O5'"  O N N 75  
DG  "C5'"  C N N 76  
DG  "C4'"  C N R 77  
DG  "O4'"  O N N 78  
DG  "C3'"  C N S 79  
DG  "O3'"  O N N 80  
DG  "C2'"  C N N 81  
DG  "C1'"  C N R 82  
DG  N9     N Y N 83  
DG  C8     C Y N 84  
DG  N7     N Y N 85  
DG  C5     C Y N 86  
DG  C6     C N N 87  
DG  O6     O N N 88  
DG  N1     N N N 89  
DG  C2     C N N 90  
DG  N2     N N N 91  
DG  N3     N N N 92  
DG  C4     C Y N 93  
DG  HOP3   H N N 94  
DG  HOP2   H N N 95  
DG  "H5'"  H N N 96  
DG  "H5''" H N N 97  
DG  "H4'"  H N N 98  
DG  "H3'"  H N N 99  
DG  "HO3'" H N N 100 
DG  "H2'"  H N N 101 
DG  "H2''" H N N 102 
DG  "H1'"  H N N 103 
DG  H8     H N N 104 
DG  H1     H N N 105 
DG  H21    H N N 106 
DG  H22    H N N 107 
DM6 C1     C Y N 108 
DM6 C2     C Y N 109 
DM6 C3     C Y N 110 
DM6 C4     C Y N 111 
DM6 C5     C N N 112 
DM6 C6     C Y N 113 
DM6 C7     C N S 114 
DM6 C8     C N N 115 
DM6 C9     C N S 116 
DM6 C10    C N N 117 
DM6 C11    C Y N 118 
DM6 C12    C N N 119 
DM6 C13    C N N 120 
DM6 C14    C N N 121 
DM6 C15    C Y N 122 
DM6 C16    C Y N 123 
DM6 C17    C Y N 124 
DM6 C18    C Y N 125 
DM6 C19    C Y N 126 
DM6 C20    C Y N 127 
DM6 C21    C N N 128 
DM6 O4     O N N 129 
DM6 O5     O N N 130 
DM6 O6     O N N 131 
DM6 O7     O N N 132 
DM6 O9     O N N 133 
DM6 O11    O N N 134 
DM6 O12    O N N 135 
DM6 O13    O N N 136 
DM6 O14    O N N 137 
DM6 "C1'"  C N R 138 
DM6 "C2'"  C N N 139 
DM6 "C3'"  C N S 140 
DM6 "C4'"  C N R 141 
DM6 "C5'"  C N S 142 
DM6 "C6'"  C N N 143 
DM6 "O4'"  O N N 144 
DM6 "O5'"  O N N 145 
DM6 "N3'"  N N N 146 
DM6 H1     H N N 147 
DM6 H2     H N N 148 
DM6 H3     H N N 149 
DM6 H7     H N N 150 
DM6 H81    H N N 151 
DM6 H82    H N N 152 
DM6 H101   H N N 153 
DM6 H102   H N N 154 
DM6 H141   H N N 155 
DM6 H142   H N N 156 
DM6 H211   H N N 157 
DM6 H212   H N N 158 
DM6 H213   H N N 159 
DM6 HO6    H N N 160 
DM6 HO9    H N N 161 
DM6 HO11   H N N 162 
DM6 HO14   H N N 163 
DM6 "H1'"  H N N 164 
DM6 "H2'1" H N N 165 
DM6 "H2'2" H N N 166 
DM6 "H3'"  H N N 167 
DM6 "H4'"  H N N 168 
DM6 "H5'"  H N N 169 
DM6 "H6'1" H N N 170 
DM6 "H6'2" H N N 171 
DM6 "H6'3" H N N 172 
DM6 "HO'4" H N N 173 
DM6 "HN'1" H N N 174 
DM6 "HN'2" H N N 175 
DM6 "HN'3" H N N 176 
DT  OP3    O N N 177 
DT  P      P N N 178 
DT  OP1    O N N 179 
DT  OP2    O N N 180 
DT  "O5'"  O N N 181 
DT  "C5'"  C N N 182 
DT  "C4'"  C N R 183 
DT  "O4'"  O N N 184 
DT  "C3'"  C N S 185 
DT  "O3'"  O N N 186 
DT  "C2'"  C N N 187 
DT  "C1'"  C N R 188 
DT  N1     N N N 189 
DT  C2     C N N 190 
DT  O2     O N N 191 
DT  N3     N N N 192 
DT  C4     C N N 193 
DT  O4     O N N 194 
DT  C5     C N N 195 
DT  C7     C N N 196 
DT  C6     C N N 197 
DT  HOP3   H N N 198 
DT  HOP2   H N N 199 
DT  "H5'"  H N N 200 
DT  "H5''" H N N 201 
DT  "H4'"  H N N 202 
DT  "H3'"  H N N 203 
DT  "HO3'" H N N 204 
DT  "H2'"  H N N 205 
DT  "H2''" H N N 206 
DT  "H1'"  H N N 207 
DT  H3     H N N 208 
DT  H71    H N N 209 
DT  H72    H N N 210 
DT  H73    H N N 211 
DT  H6     H N N 212 
HOH O      O N N 213 
HOH H1     H N N 214 
HOH H2     H N N 215 
SPM N1     N N N 216 
SPM C2     C N N 217 
SPM C3     C N N 218 
SPM C4     C N N 219 
SPM N5     N N N 220 
SPM C6     C N N 221 
SPM C7     C N N 222 
SPM C8     C N N 223 
SPM C9     C N N 224 
SPM N10    N N N 225 
SPM C11    C N N 226 
SPM C12    C N N 227 
SPM C13    C N N 228 
SPM N14    N N N 229 
SPM HN11   H N N 230 
SPM HN12   H N N 231 
SPM H21    H N N 232 
SPM H22    H N N 233 
SPM H31    H N N 234 
SPM H32    H N N 235 
SPM H41    H N N 236 
SPM H42    H N N 237 
SPM HN5    H N N 238 
SPM H61    H N N 239 
SPM H62    H N N 240 
SPM H71    H N N 241 
SPM H72    H N N 242 
SPM H81    H N N 243 
SPM H82    H N N 244 
SPM H91    H N N 245 
SPM H92    H N N 246 
SPM HN0    H N N 247 
SPM H111   H N N 248 
SPM H112   H N N 249 
SPM H121   H N N 250 
SPM H122   H N N 251 
SPM H131   H N N 252 
SPM H132   H N N 253 
SPM HN41   H N N 254 
SPM HN42   H N N 255 
# 
loop_
_chem_comp_bond.comp_id 
_chem_comp_bond.atom_id_1 
_chem_comp_bond.atom_id_2 
_chem_comp_bond.value_order 
_chem_comp_bond.pdbx_aromatic_flag 
_chem_comp_bond.pdbx_stereo_config 
_chem_comp_bond.pdbx_ordinal 
DA  OP3   P      sing N N 1   
DA  OP3   HOP3   sing N N 2   
DA  P     OP1    doub N N 3   
DA  P     OP2    sing N N 4   
DA  P     "O5'"  sing N N 5   
DA  OP2   HOP2   sing N N 6   
DA  "O5'" "C5'"  sing N N 7   
DA  "C5'" "C4'"  sing N N 8   
DA  "C5'" "H5'"  sing N N 9   
DA  "C5'" "H5''" sing N N 10  
DA  "C4'" "O4'"  sing N N 11  
DA  "C4'" "C3'"  sing N N 12  
DA  "C4'" "H4'"  sing N N 13  
DA  "O4'" "C1'"  sing N N 14  
DA  "C3'" "O3'"  sing N N 15  
DA  "C3'" "C2'"  sing N N 16  
DA  "C3'" "H3'"  sing N N 17  
DA  "O3'" "HO3'" sing N N 18  
DA  "C2'" "C1'"  sing N N 19  
DA  "C2'" "H2'"  sing N N 20  
DA  "C2'" "H2''" sing N N 21  
DA  "C1'" N9     sing N N 22  
DA  "C1'" "H1'"  sing N N 23  
DA  N9    C8     sing Y N 24  
DA  N9    C4     sing Y N 25  
DA  C8    N7     doub Y N 26  
DA  C8    H8     sing N N 27  
DA  N7    C5     sing Y N 28  
DA  C5    C6     sing Y N 29  
DA  C5    C4     doub Y N 30  
DA  C6    N6     sing N N 31  
DA  C6    N1     doub Y N 32  
DA  N6    H61    sing N N 33  
DA  N6    H62    sing N N 34  
DA  N1    C2     sing Y N 35  
DA  C2    N3     doub Y N 36  
DA  C2    H2     sing N N 37  
DA  N3    C4     sing Y N 38  
DC  OP3   P      sing N N 39  
DC  OP3   HOP3   sing N N 40  
DC  P     OP1    doub N N 41  
DC  P     OP2    sing N N 42  
DC  P     "O5'"  sing N N 43  
DC  OP2   HOP2   sing N N 44  
DC  "O5'" "C5'"  sing N N 45  
DC  "C5'" "C4'"  sing N N 46  
DC  "C5'" "H5'"  sing N N 47  
DC  "C5'" "H5''" sing N N 48  
DC  "C4'" "O4'"  sing N N 49  
DC  "C4'" "C3'"  sing N N 50  
DC  "C4'" "H4'"  sing N N 51  
DC  "O4'" "C1'"  sing N N 52  
DC  "C3'" "O3'"  sing N N 53  
DC  "C3'" "C2'"  sing N N 54  
DC  "C3'" "H3'"  sing N N 55  
DC  "O3'" "HO3'" sing N N 56  
DC  "C2'" "C1'"  sing N N 57  
DC  "C2'" "H2'"  sing N N 58  
DC  "C2'" "H2''" sing N N 59  
DC  "C1'" N1     sing N N 60  
DC  "C1'" "H1'"  sing N N 61  
DC  N1    C2     sing N N 62  
DC  N1    C6     sing N N 63  
DC  C2    O2     doub N N 64  
DC  C2    N3     sing N N 65  
DC  N3    C4     doub N N 66  
DC  C4    N4     sing N N 67  
DC  C4    C5     sing N N 68  
DC  N4    H41    sing N N 69  
DC  N4    H42    sing N N 70  
DC  C5    C6     doub N N 71  
DC  C5    H5     sing N N 72  
DC  C6    H6     sing N N 73  
DG  OP3   P      sing N N 74  
DG  OP3   HOP3   sing N N 75  
DG  P     OP1    doub N N 76  
DG  P     OP2    sing N N 77  
DG  P     "O5'"  sing N N 78  
DG  OP2   HOP2   sing N N 79  
DG  "O5'" "C5'"  sing N N 80  
DG  "C5'" "C4'"  sing N N 81  
DG  "C5'" "H5'"  sing N N 82  
DG  "C5'" "H5''" sing N N 83  
DG  "C4'" "O4'"  sing N N 84  
DG  "C4'" "C3'"  sing N N 85  
DG  "C4'" "H4'"  sing N N 86  
DG  "O4'" "C1'"  sing N N 87  
DG  "C3'" "O3'"  sing N N 88  
DG  "C3'" "C2'"  sing N N 89  
DG  "C3'" "H3'"  sing N N 90  
DG  "O3'" "HO3'" sing N N 91  
DG  "C2'" "C1'"  sing N N 92  
DG  "C2'" "H2'"  sing N N 93  
DG  "C2'" "H2''" sing N N 94  
DG  "C1'" N9     sing N N 95  
DG  "C1'" "H1'"  sing N N 96  
DG  N9    C8     sing Y N 97  
DG  N9    C4     sing Y N 98  
DG  C8    N7     doub Y N 99  
DG  C8    H8     sing N N 100 
DG  N7    C5     sing Y N 101 
DG  C5    C6     sing N N 102 
DG  C5    C4     doub Y N 103 
DG  C6    O6     doub N N 104 
DG  C6    N1     sing N N 105 
DG  N1    C2     sing N N 106 
DG  N1    H1     sing N N 107 
DG  C2    N2     sing N N 108 
DG  C2    N3     doub N N 109 
DG  N2    H21    sing N N 110 
DG  N2    H22    sing N N 111 
DG  N3    C4     sing N N 112 
DM6 C1    C2     doub Y N 113 
DM6 C1    C15    sing Y N 114 
DM6 C1    H1     sing N N 115 
DM6 C2    C3     sing Y N 116 
DM6 C2    H2     sing N N 117 
DM6 C3    C4     doub Y N 118 
DM6 C3    H3     sing N N 119 
DM6 C4    C16    sing Y N 120 
DM6 C4    O4     sing N N 121 
DM6 C5    C16    sing N N 122 
DM6 C5    C17    sing N N 123 
DM6 C5    O5     doub N N 124 
DM6 C6    C17    doub Y N 125 
DM6 C6    C20    sing Y N 126 
DM6 C6    O6     sing N N 127 
DM6 C7    C8     sing N N 128 
DM6 C7    C20    sing N N 129 
DM6 C7    O7     sing N N 130 
DM6 C7    H7     sing N N 131 
DM6 C8    C9     sing N N 132 
DM6 C8    H81    sing N N 133 
DM6 C8    H82    sing N N 134 
DM6 C9    C10    sing N N 135 
DM6 C9    C13    sing N N 136 
DM6 C9    O9     sing N N 137 
DM6 C10   C19    sing N N 138 
DM6 C10   H101   sing N N 139 
DM6 C10   H102   sing N N 140 
DM6 C11   C18    doub Y N 141 
DM6 C11   C19    sing Y N 142 
DM6 C11   O11    sing N N 143 
DM6 C12   C15    sing N N 144 
DM6 C12   C18    sing N N 145 
DM6 C12   O12    doub N N 146 
DM6 C13   C14    sing N N 147 
DM6 C13   O13    doub N N 148 
DM6 C14   O14    sing N N 149 
DM6 C14   H141   sing N N 150 
DM6 C14   H142   sing N N 151 
DM6 C15   C16    doub Y N 152 
DM6 C17   C18    sing Y N 153 
DM6 C19   C20    doub Y N 154 
DM6 C21   O4     sing N N 155 
DM6 C21   H211   sing N N 156 
DM6 C21   H212   sing N N 157 
DM6 C21   H213   sing N N 158 
DM6 O6    HO6    sing N N 159 
DM6 O7    "C1'"  sing N N 160 
DM6 O9    HO9    sing N N 161 
DM6 O11   HO11   sing N N 162 
DM6 O14   HO14   sing N N 163 
DM6 "C1'" "C2'"  sing N N 164 
DM6 "C1'" "O5'"  sing N N 165 
DM6 "C1'" "H1'"  sing N N 166 
DM6 "C2'" "C3'"  sing N N 167 
DM6 "C2'" "H2'1" sing N N 168 
DM6 "C2'" "H2'2" sing N N 169 
DM6 "C3'" "C4'"  sing N N 170 
DM6 "C3'" "N3'"  sing N N 171 
DM6 "C3'" "H3'"  sing N N 172 
DM6 "C4'" "C5'"  sing N N 173 
DM6 "C4'" "O4'"  sing N N 174 
DM6 "C4'" "H4'"  sing N N 175 
DM6 "C5'" "C6'"  sing N N 176 
DM6 "C5'" "O5'"  sing N N 177 
DM6 "C5'" "H5'"  sing N N 178 
DM6 "C6'" "H6'1" sing N N 179 
DM6 "C6'" "H6'2" sing N N 180 
DM6 "C6'" "H6'3" sing N N 181 
DM6 "O4'" "HO'4" sing N N 182 
DM6 "N3'" "HN'1" sing N N 183 
DM6 "N3'" "HN'2" sing N N 184 
DM6 "N3'" "HN'3" sing N N 185 
DT  OP3   P      sing N N 186 
DT  OP3   HOP3   sing N N 187 
DT  P     OP1    doub N N 188 
DT  P     OP2    sing N N 189 
DT  P     "O5'"  sing N N 190 
DT  OP2   HOP2   sing N N 191 
DT  "O5'" "C5'"  sing N N 192 
DT  "C5'" "C4'"  sing N N 193 
DT  "C5'" "H5'"  sing N N 194 
DT  "C5'" "H5''" sing N N 195 
DT  "C4'" "O4'"  sing N N 196 
DT  "C4'" "C3'"  sing N N 197 
DT  "C4'" "H4'"  sing N N 198 
DT  "O4'" "C1'"  sing N N 199 
DT  "C3'" "O3'"  sing N N 200 
DT  "C3'" "C2'"  sing N N 201 
DT  "C3'" "H3'"  sing N N 202 
DT  "O3'" "HO3'" sing N N 203 
DT  "C2'" "C1'"  sing N N 204 
DT  "C2'" "H2'"  sing N N 205 
DT  "C2'" "H2''" sing N N 206 
DT  "C1'" N1     sing N N 207 
DT  "C1'" "H1'"  sing N N 208 
DT  N1    C2     sing N N 209 
DT  N1    C6     sing N N 210 
DT  C2    O2     doub N N 211 
DT  C2    N3     sing N N 212 
DT  N3    C4     sing N N 213 
DT  N3    H3     sing N N 214 
DT  C4    O4     doub N N 215 
DT  C4    C5     sing N N 216 
DT  C5    C7     sing N N 217 
DT  C5    C6     doub N N 218 
DT  C7    H71    sing N N 219 
DT  C7    H72    sing N N 220 
DT  C7    H73    sing N N 221 
DT  C6    H6     sing N N 222 
HOH O     H1     sing N N 223 
HOH O     H2     sing N N 224 
SPM N1    C2     sing N N 225 
SPM N1    HN11   sing N N 226 
SPM N1    HN12   sing N N 227 
SPM C2    C3     sing N N 228 
SPM C2    H21    sing N N 229 
SPM C2    H22    sing N N 230 
SPM C3    C4     sing N N 231 
SPM C3    H31    sing N N 232 
SPM C3    H32    sing N N 233 
SPM C4    N5     sing N N 234 
SPM C4    H41    sing N N 235 
SPM C4    H42    sing N N 236 
SPM N5    C6     sing N N 237 
SPM N5    HN5    sing N N 238 
SPM C6    C7     sing N N 239 
SPM C6    H61    sing N N 240 
SPM C6    H62    sing N N 241 
SPM C7    C8     sing N N 242 
SPM C7    H71    sing N N 243 
SPM C7    H72    sing N N 244 
SPM C8    C9     sing N N 245 
SPM C8    H81    sing N N 246 
SPM C8    H82    sing N N 247 
SPM C9    N10    sing N N 248 
SPM C9    H91    sing N N 249 
SPM C9    H92    sing N N 250 
SPM N10   C11    sing N N 251 
SPM N10   HN0    sing N N 252 
SPM C11   C12    sing N N 253 
SPM C11   H111   sing N N 254 
SPM C11   H112   sing N N 255 
SPM C12   C13    sing N N 256 
SPM C12   H121   sing N N 257 
SPM C12   H122   sing N N 258 
SPM C13   N14    sing N N 259 
SPM C13   H131   sing N N 260 
SPM C13   H132   sing N N 261 
SPM N14   HN41   sing N N 262 
SPM N14   HN42   sing N N 263 
# 
loop_
_ndb_struct_conf_na.entry_id 
_ndb_struct_conf_na.feature 
1D15 'double helix'        
1D15 'b-form double helix' 
# 
loop_
_ndb_struct_na_base_pair.model_number 
_ndb_struct_na_base_pair.i_label_asym_id 
_ndb_struct_na_base_pair.i_label_comp_id 
_ndb_struct_na_base_pair.i_label_seq_id 
_ndb_struct_na_base_pair.i_symmetry 
_ndb_struct_na_base_pair.j_label_asym_id 
_ndb_struct_na_base_pair.j_label_comp_id 
_ndb_struct_na_base_pair.j_label_seq_id 
_ndb_struct_na_base_pair.j_symmetry 
_ndb_struct_na_base_pair.shear 
_ndb_struct_na_base_pair.stretch 
_ndb_struct_na_base_pair.stagger 
_ndb_struct_na_base_pair.buckle 
_ndb_struct_na_base_pair.propeller 
_ndb_struct_na_base_pair.opening 
_ndb_struct_na_base_pair.pair_number 
_ndb_struct_na_base_pair.pair_name 
_ndb_struct_na_base_pair.i_auth_asym_id 
_ndb_struct_na_base_pair.i_auth_seq_id 
_ndb_struct_na_base_pair.i_PDB_ins_code 
_ndb_struct_na_base_pair.j_auth_asym_id 
_ndb_struct_na_base_pair.j_auth_seq_id 
_ndb_struct_na_base_pair.j_PDB_ins_code 
_ndb_struct_na_base_pair.hbond_type_28 
_ndb_struct_na_base_pair.hbond_type_12 
1 A DC 1 1_555 A DG 6 8_665 0.131  -0.212 0.065  7.044   0.195 0.224  1 A_DC1:DG6_A A 1 ? A 6 ? 19 1 
1 A DG 2 1_555 A DC 5 8_665 0.027  -0.214 -0.385 -17.492 0.070 2.019  2 A_DG2:DC5_A A 2 ? A 5 ? 19 1 
1 A DA 3 1_555 A DT 4 8_665 0.170  -0.172 0.208  -5.907  1.140 -0.854 3 A_DA3:DT4_A A 3 ? A 4 ? 20 1 
1 A DT 4 1_555 A DA 3 8_665 -0.170 -0.172 0.208  5.907   1.140 -0.854 4 A_DT4:DA3_A A 4 ? A 3 ? 20 1 
1 A DC 5 1_555 A DG 2 8_665 -0.027 -0.214 -0.385 17.492  0.070 2.019  5 A_DC5:DG2_A A 5 ? A 2 ? 19 1 
1 A DG 6 1_555 A DC 1 8_665 -0.131 -0.212 0.065  -7.044  0.195 0.224  6 A_DG6:DC1_A A 6 ? A 1 ? 19 1 
# 
loop_
_ndb_struct_na_base_pair_step.model_number 
_ndb_struct_na_base_pair_step.i_label_asym_id_1 
_ndb_struct_na_base_pair_step.i_label_comp_id_1 
_ndb_struct_na_base_pair_step.i_label_seq_id_1 
_ndb_struct_na_base_pair_step.i_symmetry_1 
_ndb_struct_na_base_pair_step.j_label_asym_id_1 
_ndb_struct_na_base_pair_step.j_label_comp_id_1 
_ndb_struct_na_base_pair_step.j_label_seq_id_1 
_ndb_struct_na_base_pair_step.j_symmetry_1 
_ndb_struct_na_base_pair_step.i_label_asym_id_2 
_ndb_struct_na_base_pair_step.i_label_comp_id_2 
_ndb_struct_na_base_pair_step.i_label_seq_id_2 
_ndb_struct_na_base_pair_step.i_symmetry_2 
_ndb_struct_na_base_pair_step.j_label_asym_id_2 
_ndb_struct_na_base_pair_step.j_label_comp_id_2 
_ndb_struct_na_base_pair_step.j_label_seq_id_2 
_ndb_struct_na_base_pair_step.j_symmetry_2 
_ndb_struct_na_base_pair_step.shift 
_ndb_struct_na_base_pair_step.slide 
_ndb_struct_na_base_pair_step.rise 
_ndb_struct_na_base_pair_step.tilt 
_ndb_struct_na_base_pair_step.roll 
_ndb_struct_na_base_pair_step.twist 
_ndb_struct_na_base_pair_step.x_displacement 
_ndb_struct_na_base_pair_step.y_displacement 
_ndb_struct_na_base_pair_step.helical_rise 
_ndb_struct_na_base_pair_step.inclination 
_ndb_struct_na_base_pair_step.tip 
_ndb_struct_na_base_pair_step.helical_twist 
_ndb_struct_na_base_pair_step.step_number 
_ndb_struct_na_base_pair_step.step_name 
_ndb_struct_na_base_pair_step.i_auth_asym_id_1 
_ndb_struct_na_base_pair_step.i_auth_seq_id_1 
_ndb_struct_na_base_pair_step.i_PDB_ins_code_1 
_ndb_struct_na_base_pair_step.j_auth_asym_id_1 
_ndb_struct_na_base_pair_step.j_auth_seq_id_1 
_ndb_struct_na_base_pair_step.j_PDB_ins_code_1 
_ndb_struct_na_base_pair_step.i_auth_asym_id_2 
_ndb_struct_na_base_pair_step.i_auth_seq_id_2 
_ndb_struct_na_base_pair_step.i_PDB_ins_code_2 
_ndb_struct_na_base_pair_step.j_auth_asym_id_2 
_ndb_struct_na_base_pair_step.j_auth_seq_id_2 
_ndb_struct_na_base_pair_step.j_PDB_ins_code_2 
1 A DC 1 1_555 A DG 6 8_665 A DG 2 1_555 A DC 5 8_665 1.298  1.163  7.078 3.097  -3.568 37.100 2.831  -1.143 7.022 -5.580 -4.843  
37.389 1 AA_DC1DG2:DC5DG6_AA A 1 ? A 6 ? A 2 ? A 5 ? 
1 A DG 2 1_555 A DC 5 8_665 A DA 3 1_555 A DT 4 8_665 -1.199 0.493  3.170 -6.517 -0.256 29.462 0.999  0.965  3.348 -0.495 12.621  
30.159 2 AA_DG2DA3:DT4DC5_AA A 2 ? A 5 ? A 3 ? A 4 ? 
1 A DA 3 1_555 A DT 4 8_665 A DT 4 1_555 A DA 3 8_665 0.000  -0.833 3.195 0.000  5.756  31.450 -2.508 0.000  2.999 10.509 0.000   
31.959 3 AA_DA3DT4:DA3DT4_AA A 3 ? A 4 ? A 4 ? A 3 ? 
1 A DT 4 1_555 A DA 3 8_665 A DC 5 1_555 A DG 2 8_665 1.199  0.493  3.170 6.517  -0.256 29.462 0.999  -0.965 3.348 -0.495 -12.621 
30.159 4 AA_DT4DC5:DG2DA3_AA A 4 ? A 3 ? A 5 ? A 2 ? 
1 A DC 5 1_555 A DG 2 8_665 A DG 6 1_555 A DC 1 8_665 -1.298 1.163  7.078 -3.097 -3.568 37.100 2.831  1.143  7.022 -5.580 4.843   
37.389 5 AA_DC5DG6:DC1DG2_AA A 5 ? A 2 ? A 6 ? A 1 ? 
# 
_atom_sites.entry_id                    1D15 
_atom_sites.fract_transf_matrix[1][1]   -0.01122295 
_atom_sites.fract_transf_matrix[1][2]   0.02753129 
_atom_sites.fract_transf_matrix[1][3]   -0.01969576 
_atom_sites.fract_transf_matrix[2][1]   0.03308597 
_atom_sites.fract_transf_matrix[2][2]   0.00453470 
_atom_sites.fract_transf_matrix[2][3]   -0.01251417 
_atom_sites.fract_transf_matrix[3][1]   -0.00377553 
_atom_sites.fract_transf_matrix[3][2]   -0.01171785 
_atom_sites.fract_transf_matrix[3][3]   -0.01422819 
_atom_sites.fract_transf_vector[1]      0.576034 
_atom_sites.fract_transf_vector[2]      0.538158 
_atom_sites.fract_transf_vector[3]      0.223248 
# 
loop_
_atom_type.symbol 
C 
N 
O 
P 
# 
loop_
_atom_site.group_PDB 
_atom_site.id 
_atom_site.type_symbol 
_atom_site.label_atom_id 
_atom_site.label_alt_id 
_atom_site.label_comp_id 
_atom_site.label_asym_id 
_atom_site.label_entity_id 
_atom_site.label_seq_id 
_atom_site.pdbx_PDB_ins_code 
_atom_site.Cartn_x 
_atom_site.Cartn_y 
_atom_site.Cartn_z 
_atom_site.occupancy 
_atom_site.B_iso_or_equiv 
_atom_site.pdbx_formal_charge 
_atom_site.auth_seq_id 
_atom_site.auth_comp_id 
_atom_site.auth_asym_id 
_atom_site.auth_atom_id 
_atom_site.pdbx_PDB_model_num 
ATOM   1   O "O5'" . DC  A 1 1 ? 4.640   -11.737 -6.618  1.00 16.03 ? 1  DC  A "O5'" 1 
ATOM   2   C "C5'" . DC  A 1 1 ? 5.303   -11.563 -7.869  1.00 15.38 ? 1  DC  A "C5'" 1 
ATOM   3   C "C4'" . DC  A 1 1 ? 4.516   -10.716 -8.770  1.00 15.55 ? 1  DC  A "C4'" 1 
ATOM   4   O "O4'" . DC  A 1 1 ? 3.205   -11.139 -9.043  1.00 15.08 ? 1  DC  A "O4'" 1 
ATOM   5   C "C3'" . DC  A 1 1 ? 4.327   -9.204  -8.182  1.00 16.58 ? 1  DC  A "C3'" 1 
ATOM   6   O "O3'" . DC  A 1 1 ? 4.805   -8.449  -9.179  1.00 18.57 ? 1  DC  A "O3'" 1 
ATOM   7   C "C2'" . DC  A 1 1 ? 2.838   -9.061  -7.972  1.00 14.49 ? 1  DC  A "C2'" 1 
ATOM   8   C "C1'" . DC  A 1 1 ? 2.244   -10.082 -9.067  1.00 12.26 ? 1  DC  A "C1'" 1 
ATOM   9   N N1    . DC  A 1 1 ? 1.065   -10.718 -8.421  1.00 9.87  ? 1  DC  A N1    1 
ATOM   10  C C2    . DC  A 1 1 ? -0.149  -10.165 -8.712  1.00 9.38  ? 1  DC  A C2    1 
ATOM   11  O O2    . DC  A 1 1 ? -0.262  -9.230  -9.490  1.00 8.49  ? 1  DC  A O2    1 
ATOM   12  N N3    . DC  A 1 1 ? -1.193  -10.705 -8.038  1.00 8.94  ? 1  DC  A N3    1 
ATOM   13  C C4    . DC  A 1 1 ? -1.153  -11.749 -7.163  1.00 8.03  ? 1  DC  A C4    1 
ATOM   14  N N4    . DC  A 1 1 ? -2.343  -12.172 -6.624  1.00 8.27  ? 1  DC  A N4    1 
ATOM   15  C C5    . DC  A 1 1 ? 0.105   -12.281 -6.891  1.00 8.81  ? 1  DC  A C5    1 
ATOM   16  C C6    . DC  A 1 1 ? 1.165   -11.753 -7.496  1.00 9.03  ? 1  DC  A C6    1 
ATOM   17  P P     . DG  A 1 2 ? 5.853   -7.278  -9.027  1.00 20.14 ? 2  DG  A P     1 
ATOM   18  O OP1   . DG  A 1 2 ? 6.339   -6.900  -10.329 1.00 20.41 ? 2  DG  A OP1   1 
ATOM   19  O OP2   . DG  A 1 2 ? 6.649   -7.664  -7.930  1.00 20.82 ? 2  DG  A OP2   1 
ATOM   20  O "O5'" . DG  A 1 2 ? 4.946   -6.067  -8.337  1.00 19.73 ? 2  DG  A "O5'" 1 
ATOM   21  C "C5'" . DG  A 1 2 ? 4.028   -5.453  -9.191  1.00 17.62 ? 2  DG  A "C5'" 1 
ATOM   22  C "C4'" . DG  A 1 2 ? 3.334   -4.366  -8.334  1.00 16.01 ? 2  DG  A "C4'" 1 
ATOM   23  O "O4'" . DG  A 1 2 ? 2.427   -5.076  -7.470  1.00 14.81 ? 2  DG  A "O4'" 1 
ATOM   24  C "C3'" . DG  A 1 2 ? 4.276   -3.581  -7.394  1.00 15.70 ? 2  DG  A "C3'" 1 
ATOM   25  O "O3'" . DG  A 1 2 ? 3.685   -2.309  -7.229  1.00 18.38 ? 2  DG  A "O3'" 1 
ATOM   26  C "C2'" . DG  A 1 2 ? 4.185   -4.266  -6.066  1.00 14.49 ? 2  DG  A "C2'" 1 
ATOM   27  C "C1'" . DG  A 1 2 ? 2.621   -4.676  -6.101  1.00 12.53 ? 2  DG  A "C1'" 1 
ATOM   28  N N9    . DG  A 1 2 ? 2.310   -5.578  -5.086  1.00 10.55 ? 2  DG  A N9    1 
ATOM   29  C C8    . DG  A 1 2 ? 3.098   -6.465  -4.447  1.00 9.67  ? 2  DG  A C8    1 
ATOM   30  N N7    . DG  A 1 2 ? 2.480   -7.159  -3.509  1.00 9.38  ? 2  DG  A N7    1 
ATOM   31  C C5    . DG  A 1 2 ? 1.198   -6.648  -3.504  1.00 9.04  ? 2  DG  A C5    1 
ATOM   32  C C6    . DG  A 1 2 ? 0.060   -6.939  -2.723  1.00 8.24  ? 2  DG  A C6    1 
ATOM   33  O O6    . DG  A 1 2 ? -0.097  -7.815  -1.845  1.00 8.91  ? 2  DG  A O6    1 
ATOM   34  N N1    . DG  A 1 2 ? -1.055  -6.286  -2.994  1.00 7.54  ? 2  DG  A N1    1 
ATOM   35  C C2    . DG  A 1 2 ? -1.067  -5.350  -3.970  1.00 7.25  ? 2  DG  A C2    1 
ATOM   36  N N2    . DG  A 1 2 ? -2.073  -4.692  -4.179  1.00 7.35  ? 2  DG  A N2    1 
ATOM   37  N N3    . DG  A 1 2 ? -0.087  -5.017  -4.779  1.00 8.24  ? 2  DG  A N3    1 
ATOM   38  C C4    . DG  A 1 2 ? 1.041   -5.658  -4.456  1.00 8.78  ? 2  DG  A C4    1 
ATOM   39  P P     . DA  A 1 3 ? 4.469   -0.937  -7.276  1.00 19.91 ? 3  DA  A P     1 
ATOM   40  O OP1   . DA  A 1 3 ? 5.015   -0.845  -8.601  1.00 21.14 ? 3  DA  A OP1   1 
ATOM   41  O OP2   . DA  A 1 3 ? 5.320   -0.795  -6.067  1.00 20.70 ? 3  DA  A OP2   1 
ATOM   42  O "O5'" . DA  A 1 3 ? 3.439   0.340   -7.366  1.00 17.86 ? 3  DA  A "O5'" 1 
ATOM   43  C "C5'" . DA  A 1 3 ? 2.366   0.211   -8.209  1.00 15.57 ? 3  DA  A "C5'" 1 
ATOM   44  C "C4'" . DA  A 1 3 ? 1.156   0.591   -7.340  1.00 13.53 ? 3  DA  A "C4'" 1 
ATOM   45  O "O4'" . DA  A 1 3 ? 0.663   -0.495  -6.577  1.00 11.49 ? 3  DA  A "O4'" 1 
ATOM   46  C "C3'" . DA  A 1 3 ? 1.352   1.795   -6.385  1.00 12.73 ? 3  DA  A "C3'" 1 
ATOM   47  O "O3'" . DA  A 1 3 ? 0.317   2.677   -6.701  1.00 14.47 ? 3  DA  A "O3'" 1 
ATOM   48  C "C2'" . DA  A 1 3 ? 1.199   1.218   -4.974  1.00 11.93 ? 3  DA  A "C2'" 1 
ATOM   49  C "C1'" . DA  A 1 3 ? 0.435   -0.132  -5.253  1.00 9.27  ? 3  DA  A "C1'" 1 
ATOM   50  N N9    . DA  A 1 3 ? 0.892   -1.115  -4.340  1.00 7.63  ? 3  DA  A N9    1 
ATOM   51  C C8    . DA  A 1 3 ? 2.074   -1.668  -4.100  1.00 6.87  ? 3  DA  A C8    1 
ATOM   52  N N7    . DA  A 1 3 ? 2.114   -2.547  -3.108  1.00 6.60  ? 3  DA  A N7    1 
ATOM   53  C C5    . DA  A 1 3 ? 0.820   -2.531  -2.669  1.00 6.80  ? 3  DA  A C5    1 
ATOM   54  C C6    . DA  A 1 3 ? 0.176   -3.174  -1.579  1.00 5.76  ? 3  DA  A C6    1 
ATOM   55  N N6    . DA  A 1 3 ? 0.788   -4.095  -0.811  1.00 6.04  ? 3  DA  A N6    1 
ATOM   56  N N1    . DA  A 1 3 ? -1.105  -2.929  -1.383  1.00 5.26  ? 3  DA  A N1    1 
ATOM   57  C C2    . DA  A 1 3 ? -1.739  -2.016  -2.151  1.00 5.14  ? 3  DA  A C2    1 
ATOM   58  N N3    . DA  A 1 3 ? -1.257  -1.340  -3.187  1.00 6.46  ? 3  DA  A N3    1 
ATOM   59  C C4    . DA  A 1 3 ? 0.040   -1.650  -3.375  1.00 6.63  ? 3  DA  A C4    1 
ATOM   60  P P     . DT  A 1 4 ? 0.254   4.107   -5.981  1.00 15.51 ? 4  DT  A P     1 
ATOM   61  O OP1   . DT  A 1 4 ? -0.591  4.804   -6.917  1.00 16.33 ? 4  DT  A OP1   1 
ATOM   62  O OP2   . DT  A 1 4 ? 1.559   4.602   -5.723  1.00 16.16 ? 4  DT  A OP2   1 
ATOM   63  O "O5'" . DT  A 1 4 ? -0.753  3.927   -4.733  1.00 16.03 ? 4  DT  A "O5'" 1 
ATOM   64  C "C5'" . DT  A 1 4 ? -2.138  3.739   -5.036  1.00 15.30 ? 4  DT  A "C5'" 1 
ATOM   65  C "C4'" . DT  A 1 4 ? -2.733  3.498   -3.628  1.00 14.60 ? 4  DT  A "C4'" 1 
ATOM   66  O "O4'" . DT  A 1 4 ? -1.974  2.433   -3.000  1.00 13.82 ? 4  DT  A "O4'" 1 
ATOM   67  C "C3'" . DT  A 1 4 ? -2.576  4.735   -2.685  1.00 14.71 ? 4  DT  A "C3'" 1 
ATOM   68  O "O3'" . DT  A 1 4 ? -3.865  5.214   -2.390  1.00 16.81 ? 4  DT  A "O3'" 1 
ATOM   69  C "C2'" . DT  A 1 4 ? -1.835  4.230   -1.504  1.00 13.39 ? 4  DT  A "C2'" 1 
ATOM   70  C "C1'" . DT  A 1 4 ? -2.059  2.759   -1.530  1.00 11.82 ? 4  DT  A "C1'" 1 
ATOM   71  N N1    . DT  A 1 4 ? -0.975  1.891   -1.064  1.00 10.06 ? 4  DT  A N1    1 
ATOM   72  C C2    . DT  A 1 4 ? -1.359  0.992   -0.116  1.00 9.93  ? 4  DT  A C2    1 
ATOM   73  O O2    . DT  A 1 4 ? -2.518  0.913   0.340   1.00 10.50 ? 4  DT  A O2    1 
ATOM   74  N N3    . DT  A 1 4 ? -0.423  0.101   0.299   1.00 9.06  ? 4  DT  A N3    1 
ATOM   75  C C4    . DT  A 1 4 ? 0.860   0.027   -0.169  1.00 9.03  ? 4  DT  A C4    1 
ATOM   76  O O4    . DT  A 1 4 ? 1.633   -0.828  0.312   1.00 9.41  ? 4  DT  A O4    1 
ATOM   77  C C5    . DT  A 1 4 ? 1.214   0.956   -1.173  1.00 10.27 ? 4  DT  A C5    1 
ATOM   78  C C7    . DT  A 1 4 ? 2.605   1.007   -1.754  1.00 9.48  ? 4  DT  A C7    1 
ATOM   79  C C6    . DT  A 1 4 ? 0.283   1.836   -1.588  1.00 10.04 ? 4  DT  A C6    1 
ATOM   80  P P     . DC  A 1 5 ? -4.091  6.669   -1.756  1.00 18.65 ? 5  DC  A P     1 
ATOM   81  O OP1   . DC  A 1 5 ? -5.479  6.893   -1.837  1.00 19.69 ? 5  DC  A OP1   1 
ATOM   82  O OP2   . DC  A 1 5 ? -3.050  7.535   -2.322  1.00 19.58 ? 5  DC  A OP2   1 
ATOM   83  O "O5'" . DC  A 1 5 ? -3.943  6.646   -0.092  1.00 17.29 ? 5  DC  A "O5'" 1 
ATOM   84  C "C5'" . DC  A 1 5 ? -4.977  5.938   0.573   1.00 13.82 ? 5  DC  A "C5'" 1 
ATOM   85  C "C4'" . DC  A 1 5 ? -4.312  5.591   1.891   1.00 12.40 ? 5  DC  A "C4'" 1 
ATOM   86  O "O4'" . DC  A 1 5 ? -3.319  4.525   1.725   1.00 10.81 ? 5  DC  A "O4'" 1 
ATOM   87  C "C3'" . DC  A 1 5 ? -3.527  6.814   2.471   1.00 12.34 ? 5  DC  A "C3'" 1 
ATOM   88  O "O3'" . DC  A 1 5 ? -3.762  6.679   3.856   1.00 13.84 ? 5  DC  A "O3'" 1 
ATOM   89  C "C2'" . DC  A 1 5 ? -2.118  6.463   2.078   1.00 10.69 ? 5  DC  A "C2'" 1 
ATOM   90  C "C1'" . DC  A 1 5 ? -2.148  4.891   2.379   1.00 8.98  ? 5  DC  A "C1'" 1 
ATOM   91  N N1    . DC  A 1 5 ? -0.868  4.218   2.131   1.00 7.61  ? 5  DC  A N1    1 
ATOM   92  C C2    . DC  A 1 5 ? -0.683  2.992   2.739   1.00 6.51  ? 5  DC  A C2    1 
ATOM   93  O O2    . DC  A 1 5 ? -1.576  2.455   3.392   1.00 7.13  ? 5  DC  A O2    1 
ATOM   94  N N3    . DC  A 1 5 ? 0.529   2.411   2.566   1.00 6.09  ? 5  DC  A N3    1 
ATOM   95  C C4    . DC  A 1 5 ? 1.573   2.922   1.827   1.00 4.86  ? 5  DC  A C4    1 
ATOM   96  N N4    . DC  A 1 5 ? 2.773   2.283   1.739   1.00 5.41  ? 5  DC  A N4    1 
ATOM   97  C C5    . DC  A 1 5 ? 1.373   4.169   1.194   1.00 6.02  ? 5  DC  A C5    1 
ATOM   98  C C6    . DC  A 1 5 ? 0.185   4.738   1.384   1.00 6.92  ? 5  DC  A C6    1 
ATOM   99  P P     . DG  A 1 6 ? -4.942  7.521   4.488   1.00 15.86 ? 6  DG  A P     1 
ATOM   100 O OP1   . DG  A 1 6 ? -6.055  7.307   3.666   1.00 16.16 ? 6  DG  A OP1   1 
ATOM   101 O OP2   . DG  A 1 6 ? -4.267  8.867   4.687   1.00 16.22 ? 6  DG  A OP2   1 
ATOM   102 O "O5'" . DG  A 1 6 ? -5.467  7.034   5.920   1.00 14.23 ? 6  DG  A "O5'" 1 
ATOM   103 C "C5'" . DG  A 1 6 ? -5.525  5.751   6.348   1.00 13.49 ? 6  DG  A "C5'" 1 
ATOM   104 C "C4'" . DG  A 1 6 ? -5.768  5.683   7.834   1.00 11.92 ? 6  DG  A "C4'" 1 
ATOM   105 O "O4'" . DG  A 1 6 ? -4.575  5.428   8.573   1.00 11.51 ? 6  DG  A "O4'" 1 
ATOM   106 C "C3'" . DG  A 1 6 ? -6.276  6.981   8.581   1.00 11.12 ? 6  DG  A "C3'" 1 
ATOM   107 O "O3'" . DG  A 1 6 ? -6.879  6.342   9.684   1.00 12.23 ? 6  DG  A "O3'" 1 
ATOM   108 C "C2'" . DG  A 1 6 ? -5.022  7.767   8.804   1.00 10.21 ? 6  DG  A "C2'" 1 
ATOM   109 C "C1'" . DG  A 1 6 ? -3.953  6.626   9.156   1.00 9.00  ? 6  DG  A "C1'" 1 
ATOM   110 N N9    . DG  A 1 6 ? -2.646  6.820   8.658   1.00 7.08  ? 6  DG  A N9    1 
ATOM   111 C C8    . DG  A 1 6 ? -2.213  7.728   7.797   1.00 6.54  ? 6  DG  A C8    1 
ATOM   112 N N7    . DG  A 1 6 ? -0.941  7.659   7.526   1.00 7.46  ? 6  DG  A N7    1 
ATOM   113 C C5    . DG  A 1 6 ? -0.486  6.616   8.349   1.00 7.49  ? 6  DG  A C5    1 
ATOM   114 C C6    . DG  A 1 6 ? 0.803   6.053   8.520   1.00 6.78  ? 6  DG  A C6    1 
ATOM   115 O O6    . DG  A 1 6 ? 1.829   6.466   7.923   1.00 7.92  ? 6  DG  A O6    1 
ATOM   116 N N1    . DG  A 1 6 ? 0.988   5.044   9.352   1.00 7.03  ? 6  DG  A N1    1 
ATOM   117 C C2    . DG  A 1 6 ? -0.114  4.591   10.013  1.00 6.42  ? 6  DG  A C2    1 
ATOM   118 N N2    . DG  A 1 6 ? -0.094  3.642   10.816  1.00 5.57  ? 6  DG  A N2    1 
ATOM   119 N N3    . DG  A 1 6 ? -1.365  5.042   9.910   1.00 6.31  ? 6  DG  A N3    1 
ATOM   120 C C4    . DG  A 1 6 ? -1.488  6.084   9.068   1.00 7.16  ? 6  DG  A C4    1 
HETATM 121 C C1    . DM6 B 2 . ? 4.592   3.954   4.553   1.00 7.20  ? 7  DM6 A C1    1 
HETATM 122 C C2    . DM6 B 2 . ? 4.931   4.965   3.623   1.00 8.26  ? 7  DM6 A C2    1 
HETATM 123 C C3    . DM6 B 2 . ? 3.924   5.869   3.194   1.00 9.81  ? 7  DM6 A C3    1 
HETATM 124 C C4    . DM6 B 2 . ? 2.621   5.747   3.741   1.00 10.04 ? 7  DM6 A C4    1 
HETATM 125 C C5    . DM6 B 2 . ? 1.010   4.546   5.185   1.00 7.20  ? 7  DM6 A C5    1 
HETATM 126 C C6    . DM6 B 2 . ? -0.554  3.377   6.602   1.00 7.31  ? 7  DM6 A C6    1 
HETATM 127 C C7    . DM6 B 2 . ? -2.194  2.238   8.011   1.00 9.23  ? 7  DM6 A C7    1 
HETATM 128 C C8    . DM6 B 2 . ? -2.427  1.293   9.155   1.00 9.49  ? 7  DM6 A C8    1 
HETATM 129 C C9    . DM6 B 2 . ? -1.587  0.001   8.828   1.00 10.12 ? 7  DM6 A C9    1 
HETATM 130 C C10   . DM6 B 2 . ? -0.051  0.450   8.908   1.00 8.87  ? 7  DM6 A C10   1 
HETATM 131 C C11   . DM6 B 2 . ? 1.494   1.675   7.394   1.00 6.75  ? 7  DM6 A C11   1 
HETATM 132 C C12   . DM6 B 2 . ? 3.022   2.855   5.964   1.00 7.75  ? 7  DM6 A C12   1 
HETATM 133 C C13   . DM6 B 2 . ? -1.794  -0.984  9.952   1.00 11.31 ? 7  DM6 A C13   1 
HETATM 134 C C14   . DM6 B 2 . ? -2.759  -2.069  9.822   1.00 12.38 ? 7  DM6 A C14   1 
HETATM 135 C C15   . DM6 B 2 . ? 3.312   3.855   5.050   1.00 7.26  ? 7  DM6 A C15   1 
HETATM 136 C C16   . DM6 B 2 . ? 2.297   4.728   4.663   1.00 8.41  ? 7  DM6 A C16   1 
HETATM 137 C C17   . DM6 B 2 . ? 0.716   3.548   6.079   1.00 6.52  ? 7  DM6 A C17   1 
HETATM 138 C C18   . DM6 B 2 . ? 1.724   2.694   6.478   1.00 6.63  ? 7  DM6 A C18   1 
HETATM 139 C C19   . DM6 B 2 . ? 0.218   1.497   7.932   1.00 7.52  ? 7  DM6 A C19   1 
HETATM 140 C C20   . DM6 B 2 . ? -0.793  2.376   7.539   1.00 8.16  ? 7  DM6 A C20   1 
HETATM 141 C C21   . DM6 B 2 . ? 2.022   7.639   2.323   1.00 11.11 ? 7  DM6 A C21   1 
HETATM 142 O O4    . DM6 B 2 . ? 1.589   6.622   3.348   1.00 11.03 ? 7  DM6 A O4    1 
HETATM 143 O O5    . DM6 B 2 . ? 0.045   5.482   4.825   1.00 7.77  ? 7  DM6 A O5    1 
HETATM 144 O O6    . DM6 B 2 . ? -1.602  4.217   6.218   1.00 7.69  ? 7  DM6 A O6    1 
HETATM 145 O O7    . DM6 B 2 . ? -2.937  2.116   6.830   1.00 10.61 ? 7  DM6 A O7    1 
HETATM 146 O O9    . DM6 B 2 . ? -1.700  -0.870  7.667   1.00 8.81  ? 7  DM6 A O9    1 
HETATM 147 O O11   . DM6 B 2 . ? 2.519   0.862   7.818   1.00 6.75  ? 7  DM6 A O11   1 
HETATM 148 O O12   . DM6 B 2 . ? 4.031   2.039   6.308   1.00 8.53  ? 7  DM6 A O12   1 
HETATM 149 O O13   . DM6 B 2 . ? -0.942  -0.811  10.950  1.00 12.89 ? 7  DM6 A O13   1 
HETATM 150 O O14   . DM6 B 2 . ? -3.119  -2.744  10.995  1.00 12.74 ? 7  DM6 A O14   1 
HETATM 151 C "C1'" . DM6 B 2 . ? -4.228  2.163   6.487   1.00 12.28 ? 7  DM6 A "C1'" 1 
HETATM 152 C "C2'" . DM6 B 2 . ? -4.538  2.514   5.075   1.00 13.21 ? 7  DM6 A "C2'" 1 
HETATM 153 C "C3'" . DM6 B 2 . ? -4.450  1.243   4.155   1.00 14.16 ? 7  DM6 A "C3'" 1 
HETATM 154 C "C4'" . DM6 B 2 . ? -5.448  0.207   4.745   1.00 14.02 ? 7  DM6 A "C4'" 1 
HETATM 155 C "C5'" . DM6 B 2 . ? -4.983  -0.138  6.179   1.00 14.28 ? 7  DM6 A "C5'" 1 
HETATM 156 C "C6'" . DM6 B 2 . ? -5.846  -1.290  6.790   1.00 14.63 ? 7  DM6 A "C6'" 1 
HETATM 157 O "O4'" . DM6 B 2 . ? -5.620  -1.022  4.029   1.00 13.95 ? 7  DM6 A "O4'" 1 
HETATM 158 O "O5'" . DM6 B 2 . ? -5.038  1.070   7.016   1.00 13.68 ? 7  DM6 A "O5'" 1 
HETATM 159 N "N3'" . DM6 B 2 . ? -4.704  1.711   2.780   1.00 14.07 ? 7  DM6 A "N3'" 1 
HETATM 160 N N1    . SPM C 3 . ? 2.661   3.718   -3.686  1.00 36.87 ? 8  SPM A N1    1 
HETATM 161 C C2    . SPM C 3 . ? 1.523   4.522   -2.934  1.00 36.74 ? 8  SPM A C2    1 
HETATM 162 C C3    . SPM C 3 . ? 2.100   5.542   -1.938  1.00 37.16 ? 8  SPM A C3    1 
HETATM 163 C C4    . SPM C 3 . ? 3.582   5.200   -1.704  1.00 37.75 ? 8  SPM A C4    1 
HETATM 164 N N5    . SPM C 3 . ? 3.931   4.790   -0.284  1.00 38.47 ? 8  SPM A N5    1 
HETATM 165 C C6    . SPM C 3 . ? 5.033   3.701   -0.278  1.00 39.06 ? 8  SPM A C6    1 
HETATM 166 C C7    . SPM C 3 . ? 6.125   3.893   0.777   1.00 39.91 ? 8  SPM A C7    1 
HETATM 167 C C8    . SPM C 3 . ? 7.020   2.683   1.108   1.00 40.15 ? 8  SPM A C8    1 
HETATM 168 C C9    . SPM C 3 . ? 6.232   1.511   1.794   1.00 40.50 ? 8  SPM A C9    1 
HETATM 169 N N10   . SPM C 3 . ? 6.892   0.127   1.453   1.00 40.83 ? 8  SPM A N10   1 
HETATM 170 C C11   . SPM C 3 . ? 6.162   -0.604  0.269   1.00 40.66 ? 8  SPM A C11   1 
HETATM 171 C C12   . SPM C 3 . ? 6.457   0.118   -1.053  1.00 41.13 ? 8  SPM A C12   1 
HETATM 172 C C13   . SPM C 3 . ? 5.515   -0.182  -2.243  1.00 41.26 ? 8  SPM A C13   1 
HETATM 173 N N14   . SPM C 3 . ? 5.732   -1.638  -2.724  1.00 41.10 ? 8  SPM A N14   1 
HETATM 174 O O     . HOH D 4 . ? 1.164   -7.805  -11.207 1.00 36.71 ? 9  HOH A O     1 
HETATM 175 O O     . HOH D 4 . ? 6.010   -9.703  -4.512  1.00 25.83 ? 10 HOH A O     1 
HETATM 176 O O     . HOH D 4 . ? 8.893   -9.790  -5.542  1.00 27.08 ? 11 HOH A O     1 
HETATM 177 O O     . HOH D 4 . ? 3.530   -14.429 0.347   1.00 35.94 ? 12 HOH A O     1 
HETATM 178 O O     . HOH D 4 . ? -11.445 1.143   -9.755  1.00 34.31 ? 13 HOH A O     1 
HETATM 179 O O     . HOH D 4 . ? 2.615   8.448   -1.379  1.00 50.60 ? 14 HOH A O     1 
HETATM 180 O O     . HOH D 4 . ? 3.444   7.918   6.732   1.00 17.89 ? 15 HOH A O     1 
HETATM 181 O O     . HOH D 4 . ? 0.044   8.583   5.038   1.00 21.53 ? 16 HOH A O     1 
HETATM 182 O O     . HOH D 4 . ? -9.716  2.968   -9.335  1.00 49.49 ? 17 HOH A O     1 
HETATM 183 O O     . HOH D 4 . ? -1.227  -14.216 -5.532  1.00 33.56 ? 18 HOH A O     1 
HETATM 184 O O     . HOH D 4 . ? -4.665  0.070   -1.441  1.00 23.18 ? 19 HOH A O     1 
HETATM 185 O O     . HOH D 4 . ? -8.164  -1.545  -0.731  1.00 34.24 ? 20 HOH A O     1 
HETATM 186 O O     . HOH D 4 . ? 9.367   -9.407  -8.131  1.00 49.15 ? 21 HOH A O     1 
HETATM 187 O O     . HOH D 4 . ? 3.469   -8.094  10.865  1.00 53.76 ? 22 HOH A O     1 
HETATM 188 O O     . HOH D 4 . ? 4.224   -2.119  0.888   1.00 33.14 ? 23 HOH A O     1 
HETATM 189 O O     . HOH D 4 . ? 2.049   -5.691  3.845   1.00 27.89 ? 24 HOH A O     1 
HETATM 190 O O     . HOH D 4 . ? 3.060   -9.230  -2.033  1.00 39.09 ? 25 HOH A O     1 
HETATM 191 O O     . HOH D 4 . ? 6.528   -7.184  -5.286  1.00 39.82 ? 26 HOH A O     1 
HETATM 192 O O     . HOH D 4 . ? -6.156  4.271   11.318  1.00 46.48 ? 27 HOH A O     1 
HETATM 193 O O     . HOH D 4 . ? -10.027 -13.591 -5.007  1.00 38.47 ? 28 HOH A O     1 
HETATM 194 O O     . HOH D 4 . ? -10.858 -0.966  1.157   1.00 54.87 ? 29 HOH A O     1 
HETATM 195 O O     . HOH D 4 . ? -8.102  -0.647  2.072   1.00 42.47 ? 30 HOH A O     1 
HETATM 196 O O     . HOH D 4 . ? 11.939  -8.305  -5.148  1.00 68.83 ? 31 HOH A O     1 
HETATM 197 O O     . HOH D 4 . ? 3.993   -4.376  2.095   1.00 54.10 ? 32 HOH A O     1 
HETATM 198 O O     . HOH D 4 . ? -7.485  1.306   -8.622  1.00 51.85 ? 33 HOH A O     1 
HETATM 199 O O     . HOH D 4 . ? -5.364  5.234   -7.286  1.00 64.43 ? 34 HOH A O     1 
HETATM 200 O O     . HOH D 4 . ? 5.538   1.903   -4.421  1.00 41.36 ? 35 HOH A O     1 
HETATM 201 O O     . HOH D 4 . ? 4.318   -9.770  3.773   1.00 60.95 ? 36 HOH A O     1 
HETATM 202 O O     . HOH D 4 . ? -11.143 6.402   -1.516  1.00 31.05 ? 37 HOH A O     1 
HETATM 203 O O     . HOH D 4 . ? -10.878 3.725   8.868   1.00 53.54 ? 38 HOH A O     1 
HETATM 204 O O     . HOH D 4 . ? -3.268  4.169   11.445  1.00 38.00 ? 39 HOH A O     1 
HETATM 205 O O     . HOH D 4 . ? -1.532  2.268   13.404  1.00 43.08 ? 40 HOH A O     1 
HETATM 206 O O     . HOH D 4 . ? -7.975  3.781   3.154   1.00 34.13 ? 41 HOH A O     1 
HETATM 207 O O     . HOH D 4 . ? -8.068  6.377   2.233   1.00 46.27 ? 42 HOH A O     1 
HETATM 208 O O     . HOH D 4 . ? 0.181   -15.300 -2.611  1.00 55.15 ? 43 HOH A O     1 
HETATM 209 O O     . HOH D 4 . ? 5.542   3.229   -7.268  1.00 54.66 ? 44 HOH A O     1 
HETATM 210 O O     . HOH D 4 . ? 5.170   -5.706  3.891   1.00 58.34 ? 45 HOH A O     1 
HETATM 211 O O     . HOH D 4 . ? -1.250  -2.355  -13.813 1.00 53.74 ? 46 HOH A O     1 
# 
